data_4UAO
#
_entry.id   4UAO
#
_cell.length_a   165.864
_cell.length_b   71.807
_cell.length_c   90.688
_cell.angle_alpha   90.00
_cell.angle_beta   116.37
_cell.angle_gamma   90.00
#
_symmetry.space_group_name_H-M   'C 1 2 1'
#
loop_
_entity.id
_entity.type
_entity.pdbx_description
1 polymer 'Apical merozoite antigen 1'
2 polymer 'immunoglobulin R31C2 light chain'
3 polymer 'immunoglobulin R31C2 VH and CH1 regions'
#
loop_
_entity_poly.entity_id
_entity_poly.type
_entity_poly.pdbx_seq_one_letter_code
_entity_poly.pdbx_strand_id
1 'polypeptide(L)'
;EFPIIERSIRMSNPWKAFMEKYDLERAHNSGIRIDLGEDAEVGNSKYRIPAGKCPVFGKGIVIENSKVSFLTPVATGAQR
LKEGGFAFPNADDHISPITIANLKERYKENADLMKLNDIALCKTHAASFVIAEDQNTNYRHPAVYDEKEKTCYMLYLSAQ
ENMGPRYCSPDSQNKDAMFCFKPDKNEKFDNLVYLSKNVRNDWENKCPRKNLGNAKFGLWVDGNCEEIPYVNEVEARSLR
ECNRIVFEASASDQPRQYEEELTDYEKIQEGFRQNNRDMIKSAFLPVGAFNSDNFKSKGRGYNWANFDSVNNKCYIFNTK
PTCLINDKNFFATTALSHPQEVDNEFPGLEQKLISEEDLNSAVDHHHHHH
;
A
2 'polypeptide(L)'
;DIQMTQSPSSMSASLGDRVTITCQASQDIGNNLIWFQQKPGKSPRRMIYYATKLANGVPSRFSGSRSGSDYSLTIISLES
EDMADYHCLQYKQFPLTFGSGTRLEIKRADAAPTVSIFPPSTEQLATGGASVVCLMNNFYPRDISVKWKIDGTERRDGVL
DSVTDQDSKDSTYSMSSTLSLTKADYESHNLYTCEVVHKTSSSPVVKSFNRNEC
;
B
3 'polypeptide(L)'
;EVQLVESGGGLVQPGRSLKLSCAASGFTFSNYYMAWVRQAPKKGLEWVATITTSGSRSYYPDSVKGRFTISRDNSESSLY
LQMNSLESEDTATYYCARRGYGGYSEDFDYWGQGVMVTVSSAETTAPSVYPLAPGTALKSNSMVTLGCLVKGYFPEPVTV
TWNSGALSSGVHTFPAVLQSGLYTLTSSVTVPSSTWSSQAVTCNVAHPASSTKVDKKIVPREC
;
C
#
# COMPACT_ATOMS: atom_id res chain seq x y z
N MET A 11 -47.81 13.75 31.25
CA MET A 11 -46.77 14.32 32.12
C MET A 11 -46.35 13.32 33.24
N SER A 12 -45.50 12.30 32.94
CA SER A 12 -44.85 12.02 31.63
C SER A 12 -45.07 10.56 31.14
N ASN A 13 -44.43 10.18 30.00
CA ASN A 13 -44.56 8.85 29.37
C ASN A 13 -43.66 7.77 29.98
N PRO A 14 -44.26 6.73 30.63
CA PRO A 14 -43.45 5.65 31.23
C PRO A 14 -43.24 4.45 30.28
N TRP A 15 -42.93 4.77 29.02
CA TRP A 15 -42.63 3.85 27.92
C TRP A 15 -41.36 4.36 27.26
N LYS A 16 -41.48 5.54 26.57
CA LYS A 16 -40.54 6.36 25.81
C LYS A 16 -39.14 5.73 25.64
N ALA A 17 -38.36 5.61 26.72
CA ALA A 17 -37.02 5.02 26.69
C ALA A 17 -37.00 3.66 26.01
N PHE A 18 -38.00 2.79 26.27
CA PHE A 18 -38.15 1.47 25.65
C PHE A 18 -38.56 1.60 24.18
N MET A 19 -39.49 2.55 23.92
CA MET A 19 -40.09 2.87 22.62
C MET A 19 -39.18 3.72 21.69
N GLU A 20 -37.91 3.91 22.10
CA GLU A 20 -36.91 4.66 21.35
C GLU A 20 -36.55 3.90 20.07
N LYS A 21 -36.38 2.57 20.20
CA LYS A 21 -36.03 1.68 19.10
C LYS A 21 -37.15 1.53 18.06
N TYR A 22 -38.27 2.27 18.21
CA TYR A 22 -39.39 2.22 17.26
C TYR A 22 -39.59 3.56 16.55
N ASP A 23 -38.89 4.66 16.95
CA ASP A 23 -38.91 5.88 16.14
C ASP A 23 -37.82 5.60 15.13
N LEU A 24 -38.17 4.94 14.02
CA LEU A 24 -37.21 4.53 13.00
C LEU A 24 -36.56 5.67 12.27
N GLU A 25 -37.27 6.82 12.11
CA GLU A 25 -36.70 8.01 11.45
C GLU A 25 -35.43 8.50 12.17
N ARG A 26 -35.21 8.03 13.40
CA ARG A 26 -34.03 8.34 14.19
C ARG A 26 -33.14 7.12 14.20
N ALA A 27 -33.63 6.03 14.83
CA ALA A 27 -32.98 4.72 14.98
C ALA A 27 -32.30 4.18 13.70
N HIS A 28 -32.93 4.40 12.53
CA HIS A 28 -32.46 3.91 11.25
C HIS A 28 -32.11 5.04 10.31
N ASN A 29 -32.97 6.10 10.24
CA ASN A 29 -32.79 7.32 9.43
C ASN A 29 -32.50 7.06 7.96
N SER A 30 -33.01 5.97 7.42
CA SER A 30 -32.85 5.64 6.01
C SER A 30 -34.05 4.90 5.43
N GLY A 31 -33.98 4.55 4.15
CA GLY A 31 -35.01 3.75 3.48
C GLY A 31 -34.90 2.34 4.01
N ILE A 32 -35.97 1.56 3.95
CA ILE A 32 -35.88 0.21 4.49
C ILE A 32 -35.92 -0.77 3.33
N ARG A 33 -37.03 -0.80 2.52
CA ARG A 33 -37.11 -1.66 1.33
C ARG A 33 -36.00 -1.28 0.35
N ILE A 34 -35.72 0.04 0.24
CA ILE A 34 -34.66 0.62 -0.57
C ILE A 34 -33.86 1.59 0.29
N ASP A 35 -32.69 1.15 0.81
CA ASP A 35 -31.81 1.98 1.62
C ASP A 35 -30.72 2.51 0.71
N LEU A 36 -30.80 3.83 0.38
CA LEU A 36 -29.88 4.60 -0.46
C LEU A 36 -29.69 6.02 0.11
N GLY A 37 -29.45 6.09 1.41
CA GLY A 37 -29.36 7.31 2.21
C GLY A 37 -28.16 8.23 2.10
N GLU A 38 -26.97 7.71 1.74
CA GLU A 38 -25.72 8.51 1.65
C GLU A 38 -25.43 8.89 0.22
N ASP A 39 -24.44 9.77 -0.01
CA ASP A 39 -24.04 10.16 -1.35
C ASP A 39 -22.54 9.98 -1.38
N ALA A 40 -22.00 9.23 -2.35
CA ALA A 40 -20.55 8.99 -2.42
C ALA A 40 -20.03 8.94 -3.83
N GLU A 41 -18.83 9.54 -4.04
CA GLU A 41 -18.14 9.57 -5.33
C GLU A 41 -17.52 8.21 -5.59
N VAL A 42 -17.88 7.58 -6.72
CA VAL A 42 -17.35 6.28 -7.18
C VAL A 42 -16.88 6.58 -8.57
N GLY A 43 -15.56 6.67 -8.76
CA GLY A 43 -15.02 7.07 -10.05
C GLY A 43 -15.26 8.56 -10.21
N ASN A 44 -15.44 9.06 -11.44
CA ASN A 44 -15.67 10.50 -11.64
C ASN A 44 -17.05 10.87 -11.11
N SER A 45 -17.99 9.98 -11.34
CA SER A 45 -19.36 10.15 -10.94
C SER A 45 -19.56 10.00 -9.42
N LYS A 46 -20.67 10.57 -8.90
CA LYS A 46 -21.19 10.54 -7.52
C LYS A 46 -22.51 9.75 -7.53
N TYR A 47 -22.72 8.85 -6.55
CA TYR A 47 -23.96 8.08 -6.49
C TYR A 47 -24.68 8.24 -5.12
N ARG A 48 -25.44 7.20 -4.67
CA ARG A 48 -26.20 7.14 -3.43
C ARG A 48 -26.01 5.76 -2.88
N ILE A 49 -25.66 5.65 -1.61
CA ILE A 49 -25.30 4.38 -1.01
C ILE A 49 -26.08 4.08 0.26
N PRO A 50 -26.31 2.77 0.55
CA PRO A 50 -27.01 2.41 1.79
C PRO A 50 -26.40 3.06 3.04
N ALA A 51 -27.20 3.94 3.67
CA ALA A 51 -26.80 4.64 4.89
C ALA A 51 -27.80 4.44 6.03
N GLY A 52 -27.99 3.18 6.43
CA GLY A 52 -28.95 2.83 7.46
C GLY A 52 -28.31 2.37 8.75
N LYS A 53 -28.66 3.06 9.84
CA LYS A 53 -28.16 2.76 11.18
C LYS A 53 -28.66 1.43 11.73
N CYS A 54 -29.77 0.91 11.23
CA CYS A 54 -30.28 -0.36 11.71
C CYS A 54 -30.10 -1.53 10.74
N PRO A 55 -30.05 -2.78 11.27
CA PRO A 55 -29.94 -3.96 10.40
C PRO A 55 -31.31 -4.39 9.87
N VAL A 56 -31.42 -4.87 8.62
CA VAL A 56 -32.75 -5.33 8.13
C VAL A 56 -32.80 -6.85 8.12
N PHE A 57 -33.36 -7.47 9.18
CA PHE A 57 -33.42 -8.94 9.35
C PHE A 57 -34.41 -9.58 8.41
N GLY A 58 -33.94 -10.60 7.69
CA GLY A 58 -34.74 -11.36 6.73
C GLY A 58 -34.79 -10.81 5.33
N LYS A 59 -34.26 -9.57 5.11
CA LYS A 59 -34.20 -8.85 3.82
C LYS A 59 -33.08 -9.46 2.97
N GLY A 60 -33.30 -9.46 1.66
CA GLY A 60 -32.37 -9.99 0.66
C GLY A 60 -32.73 -9.54 -0.74
N ILE A 61 -31.91 -9.92 -1.71
CA ILE A 61 -32.15 -9.54 -3.10
C ILE A 61 -32.46 -10.76 -3.93
N VAL A 62 -33.59 -10.68 -4.62
CA VAL A 62 -34.02 -11.72 -5.54
C VAL A 62 -33.74 -11.20 -6.95
N ILE A 63 -33.11 -12.05 -7.77
CA ILE A 63 -32.86 -11.76 -9.17
C ILE A 63 -33.87 -12.60 -9.94
N GLU A 64 -34.85 -11.90 -10.54
CA GLU A 64 -35.98 -12.44 -11.31
C GLU A 64 -35.45 -13.11 -12.57
N ASN A 65 -36.00 -14.30 -12.92
CA ASN A 65 -35.58 -15.12 -14.06
C ASN A 65 -34.11 -15.59 -13.89
N SER A 66 -33.78 -16.03 -12.68
CA SER A 66 -32.45 -16.54 -12.34
C SER A 66 -32.60 -17.73 -11.40
N LYS A 67 -31.62 -18.63 -11.46
CA LYS A 67 -31.51 -19.80 -10.60
C LYS A 67 -30.29 -19.61 -9.67
N VAL A 68 -29.65 -18.41 -9.80
CA VAL A 68 -28.47 -17.99 -9.03
C VAL A 68 -28.86 -17.08 -7.85
N SER A 69 -28.25 -17.32 -6.65
CA SER A 69 -28.47 -16.52 -5.45
C SER A 69 -27.85 -15.13 -5.60
N PHE A 70 -28.36 -14.13 -4.88
CA PHE A 70 -27.74 -12.80 -4.92
C PHE A 70 -26.40 -12.81 -4.17
N LEU A 71 -26.19 -13.80 -3.27
CA LEU A 71 -24.98 -13.99 -2.47
C LEU A 71 -23.80 -14.60 -3.22
N THR A 72 -23.99 -15.03 -4.46
CA THR A 72 -22.90 -15.64 -5.23
C THR A 72 -21.96 -14.54 -5.76
N PRO A 73 -20.62 -14.71 -5.77
CA PRO A 73 -19.76 -13.67 -6.32
C PRO A 73 -20.19 -13.13 -7.69
N VAL A 74 -19.85 -11.85 -7.93
CA VAL A 74 -20.17 -11.04 -9.10
C VAL A 74 -19.75 -11.74 -10.42
N ALA A 75 -20.52 -11.46 -11.50
CA ALA A 75 -20.34 -12.04 -12.83
C ALA A 75 -19.34 -11.27 -13.66
N THR A 76 -18.09 -11.38 -13.23
CA THR A 76 -16.93 -10.74 -13.82
C THR A 76 -16.43 -11.58 -15.00
N GLY A 77 -15.75 -10.93 -15.94
CA GLY A 77 -15.18 -11.56 -17.12
C GLY A 77 -16.18 -12.22 -18.05
N ALA A 78 -15.76 -13.33 -18.70
CA ALA A 78 -16.52 -14.13 -19.65
C ALA A 78 -17.93 -14.53 -19.20
N GLN A 79 -18.19 -14.60 -17.85
CA GLN A 79 -19.48 -14.90 -17.20
C GLN A 79 -20.57 -13.93 -17.64
N ARG A 80 -21.74 -14.47 -18.02
CA ARG A 80 -22.91 -13.67 -18.43
C ARG A 80 -23.43 -13.04 -17.13
N LEU A 81 -23.75 -11.75 -17.16
CA LEU A 81 -24.14 -10.99 -15.96
C LEU A 81 -25.04 -11.73 -14.98
N LYS A 82 -26.15 -12.30 -15.50
CA LYS A 82 -27.16 -13.00 -14.70
C LYS A 82 -26.69 -14.39 -14.19
N GLU A 83 -25.48 -14.85 -14.64
CA GLU A 83 -24.88 -16.12 -14.18
C GLU A 83 -24.26 -15.96 -12.80
N GLY A 84 -24.06 -14.71 -12.37
CA GLY A 84 -23.51 -14.37 -11.06
C GLY A 84 -24.51 -13.75 -10.09
N GLY A 85 -23.95 -13.25 -8.97
CA GLY A 85 -24.70 -12.57 -7.92
C GLY A 85 -24.09 -11.21 -7.63
N PHE A 86 -24.47 -10.61 -6.50
CA PHE A 86 -24.04 -9.29 -6.05
C PHE A 86 -22.71 -9.33 -5.30
N ALA A 87 -22.40 -10.46 -4.61
CA ALA A 87 -21.25 -10.68 -3.73
C ALA A 87 -19.88 -10.34 -4.31
N PHE A 88 -18.99 -9.90 -3.40
CA PHE A 88 -17.61 -9.53 -3.66
C PHE A 88 -16.87 -10.82 -4.00
N PRO A 89 -15.94 -10.80 -4.98
CA PRO A 89 -15.24 -12.03 -5.38
C PRO A 89 -14.43 -12.76 -4.30
N ASN A 90 -14.53 -14.11 -4.29
CA ASN A 90 -13.90 -15.11 -3.39
C ASN A 90 -12.44 -14.83 -2.97
N ALA A 91 -11.70 -14.04 -3.80
CA ALA A 91 -10.30 -13.61 -3.61
C ALA A 91 -9.95 -13.44 -2.12
N ASP A 92 -9.15 -14.39 -1.60
CA ASP A 92 -8.71 -14.54 -0.20
C ASP A 92 -9.94 -14.82 0.64
N ASP A 93 -10.16 -16.09 1.01
CA ASP A 93 -11.30 -16.52 1.85
C ASP A 93 -11.32 -15.81 3.24
N HIS A 94 -10.30 -14.96 3.49
CA HIS A 94 -10.10 -14.12 4.67
C HIS A 94 -10.59 -12.67 4.33
N ILE A 95 -11.43 -12.53 3.26
CA ILE A 95 -12.06 -11.29 2.78
C ILE A 95 -13.58 -11.58 2.61
N SER A 96 -14.00 -12.32 1.55
CA SER A 96 -15.41 -12.63 1.34
C SER A 96 -15.67 -13.98 0.68
N PRO A 97 -16.58 -14.79 1.25
CA PRO A 97 -17.22 -14.61 2.56
C PRO A 97 -16.28 -15.04 3.69
N ILE A 98 -16.41 -14.41 4.87
CA ILE A 98 -15.54 -14.75 6.01
C ILE A 98 -16.36 -15.27 7.22
N THR A 99 -15.86 -16.35 7.86
CA THR A 99 -16.55 -16.94 9.03
C THR A 99 -16.26 -16.10 10.27
N ILE A 100 -17.20 -16.14 11.24
CA ILE A 100 -17.08 -15.46 12.53
C ILE A 100 -15.76 -15.87 13.21
N ALA A 101 -15.37 -17.16 13.13
CA ALA A 101 -14.11 -17.66 13.66
C ALA A 101 -12.95 -16.82 13.07
N ASN A 102 -12.84 -16.82 11.73
CA ASN A 102 -11.84 -16.05 10.98
C ASN A 102 -11.95 -14.55 11.22
N LEU A 103 -13.15 -14.03 11.44
CA LEU A 103 -13.39 -12.62 11.70
C LEU A 103 -12.82 -12.22 13.04
N LYS A 104 -13.00 -13.12 14.05
CA LYS A 104 -12.50 -12.97 15.42
C LYS A 104 -10.97 -13.04 15.34
N GLU A 105 -10.44 -14.06 14.60
CA GLU A 105 -9.03 -14.29 14.29
C GLU A 105 -8.41 -13.06 13.62
N ARG A 106 -9.05 -12.54 12.51
CA ARG A 106 -8.64 -11.36 11.71
C ARG A 106 -8.41 -10.13 12.60
N TYR A 107 -9.37 -9.80 13.50
CA TYR A 107 -9.24 -8.60 14.33
C TYR A 107 -8.89 -8.86 15.82
N LYS A 108 -8.27 -10.05 16.08
CA LYS A 108 -7.78 -10.56 17.38
C LYS A 108 -7.15 -9.49 18.24
N GLU A 109 -6.24 -8.66 17.67
CA GLU A 109 -5.50 -7.69 18.46
C GLU A 109 -6.15 -6.30 18.58
N ASN A 110 -7.52 -6.24 18.60
CA ASN A 110 -8.25 -4.99 18.90
C ASN A 110 -9.29 -5.21 19.97
N ALA A 111 -9.04 -4.62 21.17
CA ALA A 111 -9.90 -4.70 22.35
C ALA A 111 -11.29 -4.11 22.12
N ASP A 112 -11.32 -2.85 21.60
CA ASP A 112 -12.51 -2.04 21.29
C ASP A 112 -13.48 -2.79 20.40
N LEU A 113 -12.93 -3.54 19.42
CA LEU A 113 -13.80 -4.29 18.55
C LEU A 113 -14.02 -5.74 19.00
N MET A 114 -13.06 -6.40 19.68
CA MET A 114 -13.33 -7.78 20.13
C MET A 114 -14.57 -7.88 21.00
N LYS A 115 -15.01 -6.70 21.52
CA LYS A 115 -16.22 -6.49 22.31
C LYS A 115 -17.51 -6.70 21.47
N LEU A 116 -17.52 -6.16 20.20
CA LEU A 116 -18.66 -6.19 19.25
C LEU A 116 -19.31 -7.58 19.01
N ASN A 117 -20.63 -7.58 18.70
CA ASN A 117 -21.38 -8.80 18.39
C ASN A 117 -21.10 -9.23 16.95
N ASP A 118 -21.55 -10.44 16.58
CA ASP A 118 -21.32 -11.03 15.25
C ASP A 118 -21.73 -10.12 14.09
N ILE A 119 -22.98 -9.63 14.10
CA ILE A 119 -23.55 -8.74 13.10
C ILE A 119 -22.72 -7.46 12.95
N ALA A 120 -22.48 -6.74 14.08
CA ALA A 120 -21.75 -5.46 14.05
C ALA A 120 -20.33 -5.64 13.57
N LEU A 121 -19.65 -6.73 14.04
CA LEU A 121 -18.28 -7.05 13.61
C LEU A 121 -18.28 -7.27 12.11
N CYS A 122 -19.23 -8.09 11.59
CA CYS A 122 -19.38 -8.33 10.17
C CYS A 122 -19.40 -6.98 9.46
N LYS A 123 -20.36 -6.09 9.78
CA LYS A 123 -20.45 -4.74 9.16
C LYS A 123 -19.12 -3.97 9.30
N THR A 124 -18.48 -4.03 10.47
CA THR A 124 -17.20 -3.35 10.72
C THR A 124 -16.10 -3.89 9.79
N HIS A 125 -16.16 -5.18 9.46
CA HIS A 125 -15.22 -5.82 8.57
C HIS A 125 -15.41 -5.28 7.16
N ALA A 126 -16.66 -5.20 6.64
CA ALA A 126 -16.93 -4.67 5.30
C ALA A 126 -16.47 -3.25 5.15
N ALA A 127 -16.65 -2.46 6.21
CA ALA A 127 -16.27 -1.05 6.34
C ALA A 127 -14.76 -0.85 6.31
N SER A 128 -13.98 -1.87 6.66
CA SER A 128 -12.51 -1.76 6.71
C SER A 128 -11.81 -1.56 5.35
N PHE A 129 -12.49 -1.87 4.26
CA PHE A 129 -11.89 -1.86 2.93
C PHE A 129 -11.86 -0.46 2.24
N VAL A 130 -10.85 0.33 2.65
CA VAL A 130 -10.51 1.66 2.16
C VAL A 130 -9.02 1.82 2.05
N ILE A 131 -8.62 2.85 1.32
CA ILE A 131 -7.24 3.22 1.17
C ILE A 131 -7.04 4.38 2.16
N ALA A 132 -6.18 4.15 3.14
CA ALA A 132 -5.89 5.09 4.22
C ALA A 132 -6.15 6.54 3.86
N GLU A 133 -5.48 7.10 2.82
CA GLU A 133 -5.61 8.51 2.40
C GLU A 133 -6.99 8.91 1.96
N ASP A 134 -7.67 8.01 1.23
CA ASP A 134 -9.03 8.23 0.77
C ASP A 134 -10.12 7.95 1.82
N GLN A 135 -9.81 7.31 2.99
CA GLN A 135 -10.79 6.91 4.03
C GLN A 135 -11.84 7.97 4.35
N ASN A 136 -11.54 9.28 4.17
CA ASN A 136 -12.48 10.39 4.32
C ASN A 136 -13.73 10.19 3.46
N THR A 137 -13.61 9.42 2.34
CA THR A 137 -14.69 9.09 1.40
C THR A 137 -15.76 8.30 2.09
N ASN A 138 -17.03 8.77 2.07
CA ASN A 138 -18.05 8.00 2.79
C ASN A 138 -18.72 6.97 1.83
N TYR A 139 -17.89 6.10 1.26
CA TYR A 139 -18.31 4.94 0.50
C TYR A 139 -17.70 3.73 1.24
N ARG A 140 -18.47 2.66 1.48
CA ARG A 140 -17.97 1.34 1.93
C ARG A 140 -18.86 0.28 1.29
N HIS A 141 -18.41 -0.98 1.23
CA HIS A 141 -19.25 -2.04 0.66
C HIS A 141 -20.27 -2.49 1.70
N PRO A 142 -21.57 -2.65 1.33
CA PRO A 142 -22.53 -3.17 2.32
C PRO A 142 -22.22 -4.65 2.58
N ALA A 143 -22.46 -5.09 3.81
CA ALA A 143 -22.22 -6.48 4.15
C ALA A 143 -23.53 -7.11 4.55
N VAL A 144 -23.66 -8.40 4.30
CA VAL A 144 -24.82 -9.18 4.68
C VAL A 144 -24.35 -10.34 5.56
N TYR A 145 -25.01 -10.49 6.70
CA TYR A 145 -24.68 -11.53 7.65
C TYR A 145 -25.70 -12.67 7.67
N ASP A 146 -25.23 -13.92 7.57
CA ASP A 146 -26.10 -15.09 7.64
C ASP A 146 -25.97 -15.65 9.04
N GLU A 147 -27.09 -15.75 9.74
CA GLU A 147 -27.11 -16.22 11.12
C GLU A 147 -26.90 -17.75 11.23
N LYS A 148 -27.49 -18.54 10.32
CA LYS A 148 -27.35 -20.01 10.34
C LYS A 148 -25.96 -20.43 9.86
N GLU A 149 -25.42 -19.71 8.89
CA GLU A 149 -24.10 -20.03 8.41
C GLU A 149 -23.01 -19.43 9.29
N LYS A 150 -23.30 -18.26 9.92
CA LYS A 150 -22.36 -17.46 10.73
C LYS A 150 -21.17 -17.09 9.82
N THR A 151 -21.56 -16.69 8.61
CA THR A 151 -20.75 -16.31 7.46
C THR A 151 -21.22 -14.93 7.04
N CYS A 152 -20.26 -14.00 6.95
CA CYS A 152 -20.44 -12.58 6.58
C CYS A 152 -19.98 -12.42 5.13
N TYR A 153 -20.86 -11.87 4.28
CA TYR A 153 -20.59 -11.69 2.85
C TYR A 153 -20.46 -10.23 2.48
N MET A 154 -19.53 -9.90 1.56
CA MET A 154 -19.44 -8.50 1.13
C MET A 154 -20.16 -8.22 -0.18
N LEU A 155 -20.93 -7.15 -0.23
CA LEU A 155 -21.63 -6.82 -1.48
C LEU A 155 -20.79 -5.97 -2.40
N TYR A 156 -20.58 -6.47 -3.62
CA TYR A 156 -19.87 -5.66 -4.58
C TYR A 156 -20.89 -4.62 -5.08
N LEU A 157 -22.14 -5.05 -5.28
CA LEU A 157 -23.24 -4.18 -5.67
C LEU A 157 -24.06 -3.61 -4.50
N SER A 158 -24.10 -2.26 -4.45
CA SER A 158 -24.82 -1.47 -3.46
C SER A 158 -26.25 -1.20 -3.94
N ALA A 159 -26.54 -1.51 -5.24
CA ALA A 159 -27.85 -1.37 -5.86
C ALA A 159 -28.82 -2.33 -5.21
N GLN A 160 -30.12 -2.06 -5.35
CA GLN A 160 -31.17 -2.88 -4.75
C GLN A 160 -32.36 -3.20 -5.66
N GLU A 161 -32.73 -2.30 -6.63
CA GLU A 161 -33.90 -2.57 -7.49
C GLU A 161 -33.79 -2.09 -8.94
N ASN A 162 -33.16 -2.90 -9.82
CA ASN A 162 -33.15 -2.54 -11.23
C ASN A 162 -34.45 -3.07 -11.74
N MET A 163 -35.37 -2.15 -12.07
CA MET A 163 -36.73 -2.49 -12.48
C MET A 163 -37.41 -1.32 -13.16
N GLY A 164 -38.59 -1.58 -13.72
CA GLY A 164 -39.47 -0.54 -14.27
C GLY A 164 -39.68 -0.36 -15.76
N PRO A 165 -39.09 0.73 -16.33
CA PRO A 165 -39.35 1.05 -17.74
C PRO A 165 -38.47 0.32 -18.77
N ARG A 166 -37.25 0.87 -19.09
CA ARG A 166 -36.31 0.28 -20.06
C ARG A 166 -35.95 -1.13 -19.63
N TYR A 167 -35.56 -1.26 -18.35
CA TYR A 167 -35.11 -2.49 -17.73
C TYR A 167 -36.17 -3.58 -17.61
N CYS A 168 -36.98 -3.50 -16.56
CA CYS A 168 -37.91 -4.57 -16.22
C CYS A 168 -39.39 -4.23 -16.36
N SER A 169 -39.90 -4.51 -17.56
CA SER A 169 -41.30 -4.39 -17.98
C SER A 169 -41.87 -5.83 -17.88
N PRO A 170 -43.14 -6.04 -17.40
CA PRO A 170 -43.67 -7.41 -17.25
C PRO A 170 -43.72 -8.23 -18.54
N ASP A 171 -43.40 -9.53 -18.42
CA ASP A 171 -43.27 -10.52 -19.51
C ASP A 171 -42.30 -9.99 -20.58
N SER A 172 -40.99 -10.18 -20.28
CA SER A 172 -39.82 -9.70 -21.01
C SER A 172 -39.59 -10.36 -22.38
N GLN A 173 -39.10 -9.52 -23.31
CA GLN A 173 -38.73 -9.85 -24.68
C GLN A 173 -37.25 -10.28 -24.71
N ASN A 174 -36.46 -9.78 -23.73
CA ASN A 174 -35.03 -10.06 -23.48
C ASN A 174 -34.87 -11.46 -22.84
N LYS A 175 -35.98 -12.28 -22.85
CA LYS A 175 -36.09 -13.64 -22.31
C LYS A 175 -35.79 -13.69 -20.80
N ASP A 176 -34.54 -14.06 -20.45
CA ASP A 176 -34.06 -14.14 -19.08
C ASP A 176 -32.81 -13.26 -18.93
N ALA A 177 -32.09 -13.04 -20.06
CA ALA A 177 -30.84 -12.27 -20.18
C ALA A 177 -30.78 -10.98 -19.33
N MET A 178 -31.91 -10.22 -19.26
CA MET A 178 -32.02 -8.97 -18.49
C MET A 178 -31.82 -9.20 -16.99
N PHE A 179 -30.92 -8.40 -16.38
CA PHE A 179 -30.61 -8.46 -14.96
C PHE A 179 -31.68 -7.65 -14.22
N CYS A 180 -32.71 -8.35 -13.79
CA CYS A 180 -33.83 -7.75 -13.09
C CYS A 180 -33.78 -8.09 -11.65
N PHE A 181 -33.81 -7.08 -10.77
CA PHE A 181 -33.79 -7.40 -9.35
C PHE A 181 -34.66 -6.50 -8.52
N LYS A 182 -35.10 -7.05 -7.37
CA LYS A 182 -35.95 -6.41 -6.40
C LYS A 182 -35.56 -6.86 -4.98
N PRO A 183 -35.77 -6.00 -3.95
CA PRO A 183 -35.46 -6.44 -2.58
C PRO A 183 -36.60 -7.23 -1.92
N ASP A 184 -36.38 -8.48 -1.50
CA ASP A 184 -37.48 -9.22 -0.87
C ASP A 184 -37.16 -9.84 0.50
N LYS A 185 -38.21 -10.17 1.26
CA LYS A 185 -38.17 -10.82 2.56
C LYS A 185 -38.89 -12.15 2.42
N ASN A 186 -38.19 -13.26 2.70
CA ASN A 186 -38.79 -14.60 2.60
C ASN A 186 -37.97 -15.71 3.28
N GLU A 187 -38.37 -16.98 3.07
CA GLU A 187 -37.78 -18.21 3.63
C GLU A 187 -36.30 -18.31 3.35
N LYS A 188 -35.89 -18.03 2.10
CA LYS A 188 -34.49 -18.12 1.71
C LYS A 188 -33.68 -17.13 2.55
N PHE A 189 -34.22 -15.91 2.67
CA PHE A 189 -33.58 -14.82 3.39
C PHE A 189 -33.89 -14.78 4.91
N ASP A 190 -34.74 -15.67 5.42
CA ASP A 190 -35.16 -15.73 6.83
C ASP A 190 -34.07 -15.53 7.86
N ASN A 191 -32.85 -16.07 7.58
CA ASN A 191 -31.67 -16.01 8.45
C ASN A 191 -30.60 -15.03 7.96
N LEU A 192 -31.00 -14.03 7.17
CA LEU A 192 -30.08 -13.06 6.58
C LEU A 192 -30.21 -11.70 7.23
N VAL A 193 -29.22 -10.79 7.03
CA VAL A 193 -29.38 -9.45 7.59
C VAL A 193 -28.47 -8.38 6.86
N TYR A 194 -29.15 -7.50 6.11
CA TYR A 194 -28.60 -6.41 5.31
C TYR A 194 -28.04 -5.19 6.11
N LEU A 195 -26.70 -5.11 6.20
CA LEU A 195 -25.95 -4.07 6.91
C LEU A 195 -25.34 -3.01 5.99
N SER A 196 -25.34 -1.77 6.47
CA SER A 196 -24.77 -0.63 5.74
C SER A 196 -23.41 -0.32 6.39
N LYS A 197 -22.69 0.67 5.84
CA LYS A 197 -21.43 1.14 6.44
C LYS A 197 -21.76 1.76 7.82
N ASN A 198 -22.93 2.43 7.88
CA ASN A 198 -23.44 3.18 8.99
C ASN A 198 -24.08 2.39 10.12
N VAL A 199 -24.40 1.10 9.92
CA VAL A 199 -25.04 0.28 10.96
C VAL A 199 -24.40 0.56 12.34
N ARG A 200 -25.23 0.94 13.36
CA ARG A 200 -24.72 1.26 14.71
C ARG A 200 -24.18 0.02 15.37
N ASN A 201 -23.04 0.14 16.08
CA ASN A 201 -22.47 -1.00 16.79
C ASN A 201 -23.33 -1.44 18.01
N ASP A 202 -24.24 -0.55 18.51
CA ASP A 202 -25.14 -0.80 19.66
C ASP A 202 -26.63 -0.96 19.25
N TRP A 203 -26.89 -1.82 18.25
CA TRP A 203 -28.22 -2.10 17.72
C TRP A 203 -29.07 -2.98 18.63
N GLU A 204 -28.43 -3.86 19.43
CA GLU A 204 -29.12 -4.71 20.41
C GLU A 204 -29.58 -3.81 21.60
N ASN A 205 -29.84 -2.50 21.32
CA ASN A 205 -30.24 -1.42 22.24
C ASN A 205 -30.97 -0.31 21.49
N LYS A 206 -30.66 -0.12 20.19
CA LYS A 206 -31.25 0.97 19.42
C LYS A 206 -32.16 0.53 18.28
N CYS A 207 -32.08 -0.74 17.90
CA CYS A 207 -32.82 -1.25 16.75
C CYS A 207 -33.86 -2.33 17.08
N PRO A 208 -34.98 -2.32 16.32
CA PRO A 208 -35.99 -3.36 16.51
C PRO A 208 -35.57 -4.71 15.91
N ARG A 209 -35.46 -5.78 16.76
CA ARG A 209 -35.09 -7.10 16.24
C ARG A 209 -36.29 -8.05 16.08
N LYS A 210 -36.94 -8.45 17.19
CA LYS A 210 -38.02 -9.43 17.12
C LYS A 210 -39.40 -8.79 17.08
N ASN A 211 -40.39 -9.54 16.58
CA ASN A 211 -41.77 -9.09 16.52
C ASN A 211 -42.33 -9.20 17.94
N LEU A 212 -42.87 -8.11 18.50
CA LEU A 212 -43.38 -8.14 19.87
C LEU A 212 -44.64 -8.99 19.93
N GLY A 213 -44.50 -10.17 20.50
CA GLY A 213 -45.58 -11.14 20.66
C GLY A 213 -46.58 -10.71 21.70
N ASN A 214 -47.87 -11.11 21.51
CA ASN A 214 -49.03 -10.83 22.38
C ASN A 214 -49.03 -9.40 22.94
N ALA A 215 -49.04 -8.42 22.00
CA ALA A 215 -48.99 -6.96 22.24
C ALA A 215 -49.32 -6.19 20.94
N LYS A 216 -49.58 -4.86 21.03
CA LYS A 216 -49.87 -4.06 19.83
C LYS A 216 -49.51 -2.56 19.99
N PHE A 217 -49.03 -1.94 18.88
CA PHE A 217 -48.63 -0.54 18.79
C PHE A 217 -49.79 0.43 18.97
N GLY A 218 -49.56 1.43 19.79
CA GLY A 218 -50.49 2.51 20.10
C GLY A 218 -49.80 3.80 20.48
N LEU A 219 -50.55 4.88 20.43
CA LEU A 219 -50.08 6.22 20.73
C LEU A 219 -50.45 6.60 22.16
N TRP A 220 -49.44 7.00 22.93
CA TRP A 220 -49.57 7.44 24.32
C TRP A 220 -50.25 8.82 24.37
N VAL A 221 -51.49 8.88 24.89
CA VAL A 221 -52.26 10.13 24.92
C VAL A 221 -52.93 10.38 26.31
N ASP A 222 -52.54 11.52 26.91
CA ASP A 222 -52.95 12.12 28.17
C ASP A 222 -53.07 11.15 29.36
N GLY A 223 -52.06 10.30 29.52
CA GLY A 223 -51.99 9.35 30.64
C GLY A 223 -52.42 7.92 30.36
N ASN A 224 -53.10 7.70 29.23
CA ASN A 224 -53.55 6.36 28.86
C ASN A 224 -52.98 5.93 27.49
N CYS A 225 -52.46 4.68 27.43
CA CYS A 225 -51.90 4.11 26.20
C CYS A 225 -53.07 3.88 25.25
N GLU A 226 -53.36 4.93 24.46
CA GLU A 226 -54.48 4.99 23.55
C GLU A 226 -54.31 4.12 22.30
N GLU A 227 -54.87 4.55 21.18
CA GLU A 227 -54.82 3.78 19.96
C GLU A 227 -54.42 4.58 18.72
N ILE A 228 -54.11 3.85 17.64
CA ILE A 228 -53.69 4.30 16.33
C ILE A 228 -54.80 5.13 15.60
N PRO A 229 -54.56 6.45 15.37
CA PRO A 229 -55.60 7.29 14.75
C PRO A 229 -55.94 6.94 13.31
N TYR A 230 -54.94 6.61 12.50
CA TYR A 230 -55.14 6.27 11.10
C TYR A 230 -54.40 4.99 10.80
N VAL A 231 -55.05 4.07 10.08
CA VAL A 231 -54.48 2.78 9.70
C VAL A 231 -54.94 2.39 8.29
N ASN A 232 -54.25 1.43 7.66
CA ASN A 232 -54.62 0.86 6.37
C ASN A 232 -54.84 -0.64 6.62
N GLU A 233 -56.10 -1.09 6.55
CA GLU A 233 -56.48 -2.48 6.81
C GLU A 233 -56.32 -3.37 5.56
N VAL A 234 -55.40 -4.34 5.65
CA VAL A 234 -55.11 -5.28 4.57
C VAL A 234 -55.05 -6.73 5.11
N GLU A 235 -55.38 -7.72 4.26
CA GLU A 235 -55.41 -9.14 4.63
C GLU A 235 -54.02 -9.74 4.83
N ALA A 236 -53.80 -10.39 5.98
CA ALA A 236 -52.53 -11.05 6.30
C ALA A 236 -52.79 -12.43 6.90
N ARG A 237 -52.26 -13.48 6.28
CA ARG A 237 -52.45 -14.87 6.74
C ARG A 237 -51.50 -15.27 7.87
N SER A 238 -50.29 -14.73 7.89
CA SER A 238 -49.28 -15.05 8.89
C SER A 238 -48.54 -13.81 9.41
N LEU A 239 -47.65 -14.02 10.41
CA LEU A 239 -46.78 -13.01 11.03
C LEU A 239 -45.78 -12.51 9.97
N ARG A 240 -45.37 -13.47 9.11
CA ARG A 240 -44.50 -13.30 7.99
C ARG A 240 -45.22 -12.45 6.97
N GLU A 241 -46.46 -12.81 6.59
CA GLU A 241 -47.23 -12.05 5.61
C GLU A 241 -47.36 -10.59 6.02
N CYS A 242 -47.64 -10.33 7.31
CA CYS A 242 -47.74 -8.95 7.80
C CYS A 242 -46.43 -8.23 7.59
N ASN A 243 -45.33 -8.76 8.18
CA ASN A 243 -43.96 -8.24 8.05
C ASN A 243 -43.66 -7.91 6.57
N ARG A 244 -43.85 -8.90 5.67
CA ARG A 244 -43.66 -8.81 4.21
C ARG A 244 -44.42 -7.61 3.62
N ILE A 245 -45.69 -7.43 4.03
CA ILE A 245 -46.56 -6.33 3.59
C ILE A 245 -45.96 -4.98 4.01
N VAL A 246 -45.70 -4.80 5.33
CA VAL A 246 -45.16 -3.58 5.92
C VAL A 246 -43.71 -3.32 5.46
N PHE A 247 -43.06 -4.32 4.85
CA PHE A 247 -41.72 -4.10 4.31
C PHE A 247 -41.87 -3.38 2.96
N GLU A 248 -42.81 -3.84 2.12
CA GLU A 248 -43.12 -3.22 0.83
C GLU A 248 -43.67 -1.78 1.00
N ALA A 249 -44.42 -1.59 2.10
CA ALA A 249 -45.01 -0.33 2.50
C ALA A 249 -44.01 0.63 3.16
N SER A 250 -42.97 0.09 3.84
CA SER A 250 -41.95 0.90 4.54
C SER A 250 -41.19 1.92 3.67
N ALA A 251 -40.45 2.84 4.34
CA ALA A 251 -39.62 3.90 3.74
C ALA A 251 -38.72 3.29 2.66
N SER A 252 -38.68 3.90 1.49
CA SER A 252 -37.91 3.38 0.37
C SER A 252 -37.37 4.56 -0.42
N ASP A 253 -36.03 4.64 -0.54
CA ASP A 253 -35.32 5.75 -1.17
C ASP A 253 -35.56 5.80 -2.69
N GLN A 254 -35.00 4.84 -3.46
CA GLN A 254 -35.22 4.73 -4.92
C GLN A 254 -36.76 4.48 -5.15
N PRO A 255 -37.52 5.39 -5.84
CA PRO A 255 -38.98 5.18 -5.95
C PRO A 255 -39.43 3.99 -6.80
N ARG A 256 -40.76 3.75 -6.75
CA ARG A 256 -41.45 2.68 -7.48
C ARG A 256 -41.23 2.86 -8.99
N GLN A 257 -40.50 1.89 -9.59
CA GLN A 257 -40.12 1.85 -11.01
C GLN A 257 -39.21 3.06 -11.36
N TYR A 258 -37.95 3.06 -10.82
CA TYR A 258 -37.01 4.16 -11.06
C TYR A 258 -35.83 3.80 -11.97
N GLU A 259 -35.52 4.73 -12.91
CA GLU A 259 -34.40 4.70 -13.86
C GLU A 259 -33.96 6.13 -14.20
N GLU A 260 -32.68 6.28 -14.65
CA GLU A 260 -32.03 7.56 -14.99
C GLU A 260 -32.36 8.00 -16.42
N THR A 263 -26.92 5.99 -17.84
CA THR A 263 -26.18 4.75 -18.00
C THR A 263 -26.95 3.70 -18.84
N ASP A 264 -26.20 2.89 -19.62
CA ASP A 264 -26.71 1.85 -20.52
C ASP A 264 -26.57 0.49 -19.89
N TYR A 265 -27.26 -0.52 -20.45
CA TYR A 265 -27.15 -1.87 -19.94
C TYR A 265 -25.94 -2.61 -20.50
N GLU A 266 -25.70 -2.56 -21.85
CA GLU A 266 -24.53 -3.23 -22.45
C GLU A 266 -23.23 -2.60 -21.95
N LYS A 267 -23.23 -1.28 -21.69
CA LYS A 267 -22.08 -0.56 -21.13
C LYS A 267 -21.86 -1.01 -19.67
N ILE A 268 -22.96 -1.32 -18.93
CA ILE A 268 -22.87 -1.85 -17.56
C ILE A 268 -22.34 -3.29 -17.61
N GLN A 269 -22.78 -4.05 -18.62
CA GLN A 269 -22.38 -5.42 -18.88
C GLN A 269 -20.90 -5.48 -19.30
N GLU A 270 -20.47 -4.51 -20.16
CA GLU A 270 -19.10 -4.33 -20.64
C GLU A 270 -18.18 -4.24 -19.43
N GLY A 271 -18.45 -3.28 -18.53
CA GLY A 271 -17.73 -3.12 -17.27
C GLY A 271 -17.52 -4.42 -16.52
N PHE A 272 -18.56 -5.30 -16.50
CA PHE A 272 -18.49 -6.61 -15.84
CA PHE A 272 -18.49 -6.61 -15.84
C PHE A 272 -17.51 -7.56 -16.55
N ARG A 273 -17.61 -7.66 -17.90
CA ARG A 273 -16.74 -8.47 -18.75
CA ARG A 273 -16.74 -8.48 -18.74
C ARG A 273 -15.31 -7.93 -18.70
N GLN A 274 -15.16 -6.60 -18.78
CA GLN A 274 -13.90 -5.87 -18.76
C GLN A 274 -13.40 -5.68 -17.32
N ASN A 275 -13.95 -6.48 -16.38
CA ASN A 275 -13.65 -6.55 -14.94
C ASN A 275 -13.26 -5.17 -14.30
N ASN A 276 -14.01 -4.09 -14.64
CA ASN A 276 -13.73 -2.76 -14.10
C ASN A 276 -14.37 -2.61 -12.72
N ARG A 277 -13.52 -2.44 -11.70
CA ARG A 277 -13.87 -2.30 -10.28
C ARG A 277 -14.85 -1.17 -10.00
N ASP A 278 -14.68 -0.02 -10.67
CA ASP A 278 -15.57 1.11 -10.44
C ASP A 278 -16.93 0.98 -11.19
N MET A 279 -16.93 0.37 -12.40
CA MET A 279 -18.15 0.16 -13.19
C MET A 279 -19.08 -0.74 -12.41
N ILE A 280 -18.50 -1.80 -11.83
CA ILE A 280 -19.19 -2.81 -11.05
C ILE A 280 -19.70 -2.22 -9.76
N LYS A 281 -18.82 -1.51 -9.03
CA LYS A 281 -19.10 -0.85 -7.77
C LYS A 281 -20.28 0.09 -7.88
N SER A 282 -20.36 0.84 -9.01
CA SER A 282 -21.40 1.82 -9.35
C SER A 282 -22.63 1.29 -10.12
N ALA A 283 -22.63 0.02 -10.57
CA ALA A 283 -23.70 -0.50 -11.40
C ALA A 283 -25.15 -0.46 -10.79
N PHE A 284 -26.10 0.18 -11.56
CA PHE A 284 -27.53 0.37 -11.28
C PHE A 284 -27.77 1.25 -10.03
N LEU A 285 -26.98 2.32 -9.88
CA LEU A 285 -27.11 3.22 -8.74
C LEU A 285 -27.63 4.59 -9.15
N PRO A 286 -28.49 5.20 -8.31
CA PRO A 286 -28.96 6.56 -8.62
C PRO A 286 -27.94 7.62 -8.27
N VAL A 287 -27.95 8.74 -8.99
CA VAL A 287 -27.03 9.87 -8.80
C VAL A 287 -27.17 10.65 -7.45
N GLY A 288 -26.11 11.41 -7.10
CA GLY A 288 -26.05 12.38 -5.99
C GLY A 288 -26.07 13.83 -6.51
N ALA A 289 -26.82 14.07 -7.62
CA ALA A 289 -27.02 15.33 -8.36
C ALA A 289 -27.68 16.45 -7.54
N SER A 292 -32.60 15.82 -6.01
CA SER A 292 -31.82 14.54 -5.90
C SER A 292 -31.87 13.89 -4.55
N ASP A 293 -31.82 14.72 -3.51
CA ASP A 293 -31.80 14.32 -2.13
C ASP A 293 -33.21 14.04 -1.70
N ASN A 294 -34.20 14.62 -2.42
CA ASN A 294 -35.62 14.41 -2.14
C ASN A 294 -36.03 12.97 -2.26
N PHE A 295 -35.17 12.11 -2.83
CA PHE A 295 -35.51 10.70 -2.94
C PHE A 295 -35.26 10.00 -1.63
N LYS A 296 -34.43 10.60 -0.77
CA LYS A 296 -34.14 10.12 0.58
C LYS A 296 -35.37 10.29 1.49
N SER A 297 -35.91 9.12 1.89
CA SER A 297 -37.03 8.90 2.80
C SER A 297 -36.62 9.34 4.21
N LYS A 298 -35.29 9.27 4.49
CA LYS A 298 -34.67 9.59 5.76
C LYS A 298 -35.30 8.79 6.92
N GLY A 299 -35.95 7.68 6.61
CA GLY A 299 -36.57 6.86 7.65
C GLY A 299 -38.05 7.09 7.83
N ARG A 300 -38.62 8.18 7.23
CA ARG A 300 -40.06 8.52 7.28
C ARG A 300 -40.76 7.54 6.37
N GLY A 301 -41.86 6.94 6.84
CA GLY A 301 -42.59 5.99 6.01
C GLY A 301 -43.62 5.14 6.73
N TYR A 302 -44.20 4.14 6.03
CA TYR A 302 -45.20 3.23 6.61
C TYR A 302 -44.54 2.00 7.22
N ASN A 303 -43.46 2.24 7.98
CA ASN A 303 -42.53 1.29 8.60
C ASN A 303 -43.07 0.38 9.71
N TRP A 304 -44.27 0.68 10.30
CA TRP A 304 -44.85 -0.06 11.43
C TRP A 304 -46.21 -0.68 11.13
N ALA A 305 -46.43 -1.92 11.65
CA ALA A 305 -47.65 -2.73 11.50
C ALA A 305 -48.06 -3.48 12.76
N ASN A 306 -49.34 -3.88 12.81
CA ASN A 306 -49.96 -4.68 13.86
C ASN A 306 -50.76 -5.80 13.18
N PHE A 307 -50.71 -7.01 13.76
CA PHE A 307 -51.39 -8.15 13.16
C PHE A 307 -52.42 -8.83 14.04
N ASP A 308 -53.69 -8.83 13.58
CA ASP A 308 -54.74 -9.54 14.28
C ASP A 308 -54.71 -10.97 13.75
N SER A 309 -53.94 -11.83 14.43
CA SER A 309 -53.73 -13.24 14.09
C SER A 309 -54.99 -14.06 14.25
N VAL A 310 -55.85 -13.67 15.21
CA VAL A 310 -57.11 -14.37 15.50
C VAL A 310 -58.15 -14.14 14.42
N ASN A 311 -57.97 -13.12 13.58
CA ASN A 311 -58.87 -12.82 12.46
C ASN A 311 -58.08 -12.17 11.32
N ASN A 312 -56.96 -12.83 10.94
CA ASN A 312 -56.00 -12.54 9.86
C ASN A 312 -56.09 -11.15 9.20
N LYS A 313 -55.62 -10.08 9.90
CA LYS A 313 -55.60 -8.69 9.38
C LYS A 313 -54.33 -7.94 9.76
N CYS A 314 -53.72 -7.23 8.78
CA CYS A 314 -52.50 -6.40 8.88
C CYS A 314 -52.92 -4.92 8.94
N TYR A 315 -52.39 -4.19 9.92
CA TYR A 315 -52.70 -2.79 10.15
C TYR A 315 -51.42 -1.95 10.07
N ILE A 316 -51.19 -1.27 8.92
CA ILE A 316 -50.00 -0.44 8.69
C ILE A 316 -50.26 1.04 8.90
N PHE A 317 -49.22 1.80 9.26
CA PHE A 317 -49.33 3.24 9.51
C PHE A 317 -48.01 4.02 9.28
N ASN A 318 -48.13 5.32 8.94
CA ASN A 318 -46.97 6.17 8.68
C ASN A 318 -46.67 7.17 9.82
N THR A 319 -47.12 6.85 11.06
CA THR A 319 -46.88 7.66 12.26
C THR A 319 -46.22 6.78 13.32
N LYS A 320 -45.07 7.19 13.87
CA LYS A 320 -44.33 6.35 14.83
C LYS A 320 -45.13 6.00 16.10
N PRO A 321 -44.99 4.73 16.57
CA PRO A 321 -45.67 4.31 17.80
C PRO A 321 -45.00 4.92 19.02
N THR A 322 -45.76 5.14 20.13
CA THR A 322 -45.22 5.72 21.36
C THR A 322 -45.55 4.86 22.62
N CYS A 323 -46.17 3.67 22.42
CA CYS A 323 -46.50 2.71 23.50
C CYS A 323 -47.12 1.39 22.97
N LEU A 324 -47.31 0.39 23.87
CA LEU A 324 -47.89 -0.93 23.59
C LEU A 324 -49.15 -1.24 24.43
N ILE A 325 -50.12 -2.01 23.86
CA ILE A 325 -51.36 -2.47 24.51
C ILE A 325 -51.26 -3.96 24.81
N ASN A 326 -51.54 -4.37 26.08
CA ASN A 326 -51.45 -5.75 26.65
C ASN A 326 -52.11 -6.89 25.83
N ASP A 327 -52.86 -6.53 24.75
CA ASP A 327 -53.61 -7.38 23.79
C ASP A 327 -52.92 -8.70 23.46
N LYS A 328 -53.55 -9.81 23.79
CA LYS A 328 -52.97 -11.14 23.61
C LYS A 328 -53.15 -11.73 22.21
N ASN A 329 -54.16 -11.28 21.46
CA ASN A 329 -54.40 -11.82 20.12
C ASN A 329 -53.62 -11.07 19.00
N PHE A 330 -52.79 -10.08 19.39
CA PHE A 330 -52.02 -9.24 18.46
C PHE A 330 -50.47 -9.41 18.51
N PHE A 331 -49.79 -8.93 17.44
CA PHE A 331 -48.33 -8.92 17.24
C PHE A 331 -47.85 -7.56 16.64
N ALA A 332 -47.05 -6.80 17.41
CA ALA A 332 -46.50 -5.53 16.95
C ALA A 332 -45.18 -5.78 16.19
N THR A 333 -45.10 -5.24 14.95
CA THR A 333 -43.95 -5.46 14.08
C THR A 333 -43.53 -4.20 13.29
N THR A 334 -42.24 -4.15 12.88
CA THR A 334 -41.66 -3.12 12.04
C THR A 334 -41.01 -3.83 10.85
N ALA A 335 -40.74 -3.08 9.76
CA ALA A 335 -40.14 -3.64 8.54
C ALA A 335 -38.70 -4.11 8.75
N LEU A 336 -38.03 -3.57 9.74
CA LEU A 336 -36.67 -4.00 10.04
C LEU A 336 -36.71 -5.29 10.83
N SER A 337 -37.78 -5.47 11.65
CA SER A 337 -37.95 -6.61 12.54
C SER A 337 -38.00 -7.92 11.79
N HIS A 338 -37.42 -8.94 12.42
CA HIS A 338 -37.27 -10.32 11.92
C HIS A 338 -38.58 -10.97 11.44
N PRO A 339 -38.56 -11.69 10.29
CA PRO A 339 -39.79 -12.36 9.82
C PRO A 339 -40.36 -13.37 10.80
N GLN A 340 -39.51 -14.22 11.42
CA GLN A 340 -39.97 -15.27 12.33
C GLN A 340 -39.90 -14.92 13.79
N GLU A 341 -38.72 -14.47 14.27
CA GLU A 341 -38.45 -14.08 15.66
C GLU A 341 -39.57 -13.23 16.30
N VAL A 342 -39.97 -13.62 17.54
CA VAL A 342 -41.06 -13.04 18.34
C VAL A 342 -40.75 -12.98 19.84
N ASP A 343 -41.31 -11.98 20.56
CA ASP A 343 -41.15 -11.87 22.01
C ASP A 343 -42.41 -11.42 22.74
N ASN A 344 -43.05 -12.37 23.44
CA ASN A 344 -44.26 -12.12 24.25
C ASN A 344 -43.78 -11.90 25.68
N GLU A 345 -43.38 -10.66 25.95
CA GLU A 345 -42.80 -10.28 27.23
C GLU A 345 -43.74 -9.35 27.99
N PHE A 346 -44.04 -8.21 27.36
CA PHE A 346 -44.83 -7.11 27.87
C PHE A 346 -44.19 -6.49 29.11
N ASP B 1 2.03 11.83 10.76
CA ASP B 1 2.46 11.97 12.15
C ASP B 1 2.29 10.67 12.98
N ILE B 2 2.56 9.51 12.34
CA ILE B 2 2.50 8.15 12.91
C ILE B 2 3.95 7.64 12.99
N GLN B 3 4.64 7.95 14.09
CA GLN B 3 6.05 7.59 14.28
C GLN B 3 6.32 6.08 14.14
N MET B 4 7.04 5.69 13.06
CA MET B 4 7.44 4.31 12.79
C MET B 4 8.85 4.12 13.30
N THR B 5 9.07 3.22 14.29
CA THR B 5 10.41 3.08 14.87
C THR B 5 11.00 1.67 14.64
N GLN B 6 11.55 1.48 13.41
CA GLN B 6 12.18 0.26 12.94
C GLN B 6 13.54 0.10 13.61
N SER B 7 13.70 -0.96 14.40
CA SER B 7 14.95 -1.23 15.12
C SER B 7 15.47 -2.66 14.89
N PRO B 8 16.81 -2.91 14.85
CA PRO B 8 17.93 -1.96 15.03
C PRO B 8 18.24 -1.09 13.78
N SER B 9 19.48 -0.55 13.75
CA SER B 9 19.99 0.27 12.66
C SER B 9 20.39 -0.67 11.53
N SER B 10 20.94 -1.84 11.93
CA SER B 10 21.45 -2.91 11.10
C SER B 10 21.74 -4.11 12.03
N MET B 11 21.94 -5.30 11.43
CA MET B 11 22.26 -6.50 12.20
C MET B 11 23.03 -7.56 11.41
N SER B 12 23.90 -8.27 12.16
CA SER B 12 24.72 -9.34 11.63
C SER B 12 24.07 -10.63 12.06
N ALA B 13 23.98 -11.58 11.11
CA ALA B 13 23.37 -12.91 11.24
C ALA B 13 24.16 -13.92 10.44
N SER B 14 24.33 -15.16 10.97
CA SER B 14 25.02 -16.23 10.24
C SER B 14 24.01 -16.97 9.36
N LEU B 15 24.45 -17.99 8.60
CA LEU B 15 23.52 -18.72 7.74
C LEU B 15 22.61 -19.66 8.51
N GLY B 16 21.39 -19.83 8.03
CA GLY B 16 20.36 -20.64 8.68
C GLY B 16 19.79 -19.98 9.93
N ASP B 17 20.51 -19.00 10.51
CA ASP B 17 20.15 -18.22 11.71
C ASP B 17 18.84 -17.45 11.53
N ARG B 18 18.25 -17.00 12.64
CA ARG B 18 17.05 -16.19 12.51
C ARG B 18 17.34 -14.73 12.86
N VAL B 19 16.66 -13.85 12.15
CA VAL B 19 16.78 -12.41 12.29
C VAL B 19 15.39 -11.79 12.50
N THR B 20 15.29 -10.86 13.46
CA THR B 20 14.02 -10.20 13.74
C THR B 20 14.16 -8.69 13.82
N ILE B 21 13.53 -8.04 12.85
CA ILE B 21 13.45 -6.60 12.76
C ILE B 21 12.12 -6.25 13.38
N THR B 22 12.11 -5.27 14.29
CA THR B 22 10.90 -4.89 15.02
C THR B 22 10.51 -3.42 14.77
N CYS B 23 9.52 -3.20 13.89
CA CYS B 23 8.97 -1.88 13.57
C CYS B 23 7.81 -1.61 14.55
N GLN B 24 7.81 -0.44 15.23
CA GLN B 24 6.78 -0.05 16.21
C GLN B 24 6.24 1.38 16.01
N ALA B 25 4.89 1.50 15.77
CA ALA B 25 4.19 2.78 15.54
C ALA B 25 3.59 3.42 16.77
N SER B 26 3.62 4.77 16.84
CA SER B 26 3.09 5.56 17.95
C SER B 26 1.58 5.33 18.12
N GLN B 27 0.75 5.67 17.10
CA GLN B 27 -0.68 5.42 17.22
C GLN B 27 -1.08 4.14 16.49
N ASP B 28 -2.36 3.76 16.61
CA ASP B 28 -2.91 2.52 16.07
C ASP B 28 -2.92 2.40 14.54
N ILE B 29 -2.22 1.36 14.07
CA ILE B 29 -2.24 0.83 12.71
C ILE B 29 -2.99 -0.46 13.02
N GLY B 30 -3.83 -0.94 12.11
CA GLY B 30 -4.54 -2.20 12.30
C GLY B 30 -3.59 -3.33 11.97
N ASN B 31 -3.84 -3.99 10.85
CA ASN B 31 -2.87 -4.95 10.39
C ASN B 31 -2.40 -4.35 9.09
N ASN B 32 -2.44 -3.01 8.99
CA ASN B 32 -2.02 -2.33 7.78
C ASN B 32 -0.53 -2.04 7.78
N LEU B 33 0.27 -3.13 7.77
CA LEU B 33 1.72 -3.07 7.73
C LEU B 33 2.36 -3.90 6.62
N ILE B 34 3.36 -3.29 5.94
CA ILE B 34 4.13 -3.91 4.84
C ILE B 34 5.63 -3.99 5.13
N TRP B 35 6.20 -5.19 4.94
CA TRP B 35 7.63 -5.38 5.00
C TRP B 35 8.09 -5.38 3.55
N PHE B 36 9.17 -4.63 3.28
CA PHE B 36 9.77 -4.48 1.97
C PHE B 36 11.24 -4.81 2.02
N GLN B 37 11.68 -5.64 1.06
CA GLN B 37 13.07 -6.02 0.84
C GLN B 37 13.55 -5.08 -0.24
N GLN B 38 14.63 -4.33 0.05
CA GLN B 38 15.26 -3.49 -0.95
C GLN B 38 16.71 -3.94 -1.10
N LYS B 39 17.08 -4.32 -2.33
CA LYS B 39 18.45 -4.74 -2.60
C LYS B 39 19.25 -3.65 -3.30
N PRO B 40 20.55 -3.48 -2.89
CA PRO B 40 21.41 -2.43 -3.47
C PRO B 40 21.13 -2.02 -4.91
N GLY B 41 20.74 -0.76 -5.05
CA GLY B 41 20.43 -0.11 -6.32
C GLY B 41 19.19 -0.61 -7.05
N LYS B 42 18.32 -1.38 -6.38
CA LYS B 42 17.12 -1.92 -7.02
C LYS B 42 15.82 -1.54 -6.31
N SER B 43 14.69 -1.59 -7.06
CA SER B 43 13.35 -1.25 -6.55
C SER B 43 13.00 -2.15 -5.40
N PRO B 44 12.40 -1.61 -4.31
CA PRO B 44 12.01 -2.49 -3.20
C PRO B 44 10.98 -3.53 -3.64
N ARG B 45 10.92 -4.68 -2.93
CA ARG B 45 9.94 -5.75 -3.20
C ARG B 45 9.18 -6.08 -1.95
N ARG B 46 7.85 -6.15 -2.13
CA ARG B 46 6.91 -6.48 -1.08
C ARG B 46 7.22 -7.87 -0.51
N MET B 47 7.26 -7.97 0.80
CA MET B 47 7.55 -9.25 1.43
C MET B 47 6.31 -9.76 2.18
N ILE B 48 5.84 -8.96 3.14
CA ILE B 48 4.73 -9.25 4.01
C ILE B 48 3.78 -8.09 3.92
N TYR B 49 2.51 -8.39 3.59
CA TYR B 49 1.41 -7.43 3.52
C TYR B 49 0.44 -7.74 4.66
N TYR B 50 -0.62 -6.88 4.86
CA TYR B 50 -1.58 -7.03 5.96
C TYR B 50 -0.91 -7.67 7.21
N ALA B 51 0.28 -7.09 7.55
CA ALA B 51 1.21 -7.35 8.66
C ALA B 51 1.75 -8.76 8.77
N THR B 52 1.04 -9.76 8.25
CA THR B 52 1.43 -11.16 8.41
C THR B 52 1.29 -11.99 7.13
N LYS B 53 0.58 -11.45 6.14
CA LYS B 53 0.33 -12.23 4.96
C LYS B 53 1.46 -12.16 4.00
N LEU B 54 2.18 -13.26 3.88
CA LEU B 54 3.28 -13.45 2.97
C LEU B 54 2.75 -13.35 1.52
N ALA B 55 3.31 -12.36 0.75
CA ALA B 55 3.00 -12.05 -0.65
C ALA B 55 3.65 -13.04 -1.61
N ASN B 56 3.14 -13.13 -2.87
CA ASN B 56 3.58 -14.08 -3.94
C ASN B 56 5.07 -14.08 -4.19
N GLY B 57 5.66 -15.28 -4.23
CA GLY B 57 7.10 -15.46 -4.49
C GLY B 57 8.01 -15.45 -3.28
N VAL B 58 7.60 -14.71 -2.23
CA VAL B 58 8.28 -14.52 -0.96
C VAL B 58 8.37 -15.89 -0.23
N PRO B 59 9.62 -16.46 0.00
CA PRO B 59 9.74 -17.79 0.64
C PRO B 59 9.26 -17.90 2.09
N SER B 60 8.85 -19.12 2.46
CA SER B 60 8.31 -19.50 3.79
C SER B 60 9.14 -19.02 4.97
N ARG B 61 10.50 -18.89 4.80
CA ARG B 61 11.39 -18.37 5.85
C ARG B 61 11.02 -16.92 6.31
N PHE B 62 10.25 -16.20 5.46
CA PHE B 62 9.73 -14.88 5.75
C PHE B 62 8.39 -15.00 6.48
N SER B 63 8.13 -14.09 7.47
CA SER B 63 6.89 -14.04 8.28
C SER B 63 6.80 -12.80 9.21
N GLY B 64 5.60 -12.21 9.28
CA GLY B 64 5.27 -11.04 10.10
C GLY B 64 4.53 -11.37 11.39
N SER B 65 4.65 -10.50 12.42
CA SER B 65 4.03 -10.74 13.75
C SER B 65 3.56 -9.46 14.48
N ARG B 66 2.26 -9.39 14.84
CA ARG B 66 1.68 -8.25 15.55
C ARG B 66 1.47 -8.57 17.02
N SER B 67 1.62 -7.54 17.88
CA SER B 67 1.44 -7.55 19.33
C SER B 67 1.38 -6.11 19.90
N GLY B 68 0.19 -5.52 19.76
CA GLY B 68 -0.11 -4.17 20.20
C GLY B 68 0.46 -3.16 19.24
N SER B 69 1.29 -2.24 19.74
CA SER B 69 1.94 -1.22 18.92
C SER B 69 3.05 -1.85 18.07
N ASP B 70 3.71 -2.90 18.62
CA ASP B 70 4.83 -3.63 18.00
C ASP B 70 4.44 -4.56 16.84
N TYR B 71 5.33 -4.63 15.83
CA TYR B 71 5.23 -5.48 14.64
C TYR B 71 6.63 -5.97 14.30
N SER B 72 6.76 -7.21 13.83
CA SER B 72 8.08 -7.71 13.49
C SER B 72 8.05 -8.64 12.28
N LEU B 73 9.23 -8.77 11.64
CA LEU B 73 9.48 -9.64 10.50
C LEU B 73 10.64 -10.55 10.84
N THR B 74 10.44 -11.82 10.51
CA THR B 74 11.42 -12.86 10.76
C THR B 74 11.79 -13.65 9.49
N ILE B 75 13.12 -13.79 9.28
CA ILE B 75 13.76 -14.61 8.25
C ILE B 75 14.42 -15.65 9.12
N ILE B 76 13.94 -16.89 9.01
CA ILE B 76 14.34 -17.98 9.87
C ILE B 76 15.53 -18.78 9.35
N SER B 77 15.50 -19.34 8.12
CA SER B 77 16.67 -20.13 7.72
C SER B 77 17.46 -19.42 6.68
N LEU B 78 18.11 -18.35 7.18
CA LEU B 78 18.95 -17.36 6.53
C LEU B 78 19.71 -17.82 5.33
N GLU B 79 19.52 -17.11 4.22
CA GLU B 79 20.23 -17.37 2.96
C GLU B 79 21.09 -16.16 2.55
N SER B 80 21.86 -16.33 1.48
CA SER B 80 22.76 -15.31 0.93
C SER B 80 21.99 -14.22 0.16
N GLU B 81 20.66 -14.40 0.02
CA GLU B 81 19.75 -13.48 -0.64
C GLU B 81 18.80 -12.94 0.41
N ASP B 82 19.37 -12.58 1.53
CA ASP B 82 18.70 -11.98 2.67
C ASP B 82 19.54 -10.74 3.01
N MET B 83 20.70 -10.66 2.35
CA MET B 83 21.62 -9.55 2.38
C MET B 83 20.87 -8.46 1.63
N ALA B 84 20.13 -7.65 2.39
CA ALA B 84 19.32 -6.56 1.87
C ALA B 84 18.91 -5.61 2.99
N ASP B 85 18.27 -4.52 2.59
CA ASP B 85 17.69 -3.61 3.55
C ASP B 85 16.23 -4.03 3.65
N TYR B 86 15.66 -3.88 4.86
CA TYR B 86 14.27 -4.21 5.16
C TYR B 86 13.56 -3.01 5.72
N HIS B 87 12.39 -2.70 5.13
CA HIS B 87 11.59 -1.53 5.44
C HIS B 87 10.16 -1.82 5.85
N CYS B 88 9.63 -1.09 6.85
CA CYS B 88 8.22 -1.22 7.20
C CYS B 88 7.44 -0.03 6.58
N LEU B 89 6.11 -0.09 6.66
CA LEU B 89 5.20 0.93 6.13
C LEU B 89 3.87 0.75 6.76
N GLN B 90 3.24 1.87 7.15
CA GLN B 90 1.89 1.85 7.66
C GLN B 90 0.99 2.45 6.58
N TYR B 91 -0.05 1.69 6.19
CA TYR B 91 -1.02 2.16 5.21
C TYR B 91 -2.43 2.19 5.85
N LYS B 92 -2.50 2.52 7.16
CA LYS B 92 -3.73 2.59 7.94
C LYS B 92 -4.30 4.01 8.00
N GLN B 93 -3.41 4.98 8.19
CA GLN B 93 -3.74 6.38 8.34
C GLN B 93 -2.87 7.28 7.44
N PHE B 94 -3.43 8.40 6.95
CA PHE B 94 -2.68 9.39 6.18
C PHE B 94 -1.83 10.19 7.20
N PRO B 95 -0.56 10.55 6.87
CA PRO B 95 0.19 10.22 5.65
C PRO B 95 0.89 8.86 5.79
N LEU B 96 1.16 8.17 4.65
CA LEU B 96 1.82 6.85 4.70
C LEU B 96 3.26 7.05 5.14
N THR B 97 3.65 6.46 6.29
CA THR B 97 5.01 6.64 6.80
C THR B 97 5.74 5.32 6.83
N PHE B 98 7.06 5.39 6.58
CA PHE B 98 7.98 4.24 6.60
C PHE B 98 8.93 4.36 7.77
N GLY B 99 9.53 3.24 8.14
CA GLY B 99 10.59 3.19 9.13
C GLY B 99 11.93 3.49 8.46
N SER B 100 12.95 3.83 9.27
CA SER B 100 14.33 4.15 8.88
C SER B 100 14.98 3.15 7.87
N GLY B 101 14.71 1.87 8.08
CA GLY B 101 15.25 0.76 7.31
C GLY B 101 16.21 -0.04 8.18
N THR B 102 16.41 -1.31 7.82
CA THR B 102 17.35 -2.12 8.57
C THR B 102 18.22 -2.89 7.61
N ARG B 103 19.54 -2.67 7.76
CA ARG B 103 20.53 -3.29 6.92
C ARG B 103 20.85 -4.69 7.39
N LEU B 104 20.54 -5.68 6.53
CA LEU B 104 20.86 -7.06 6.83
C LEU B 104 22.16 -7.45 6.22
N GLU B 105 23.18 -7.59 7.10
CA GLU B 105 24.50 -8.04 6.73
C GLU B 105 24.63 -9.49 7.18
N ILE B 106 25.22 -10.32 6.33
CA ILE B 106 25.38 -11.73 6.67
C ILE B 106 26.79 -12.07 7.11
N LYS B 107 26.91 -12.65 8.30
CA LYS B 107 28.15 -13.14 8.88
C LYS B 107 28.77 -14.23 7.99
N ARG B 108 30.07 -14.10 7.71
CA ARG B 108 30.83 -15.09 6.95
C ARG B 108 32.12 -15.49 7.69
N ALA B 109 32.85 -16.50 7.17
CA ALA B 109 34.14 -16.91 7.72
C ALA B 109 35.01 -15.70 7.50
N ASP B 110 35.58 -15.12 8.58
CA ASP B 110 36.40 -13.90 8.50
C ASP B 110 37.44 -13.96 7.38
N ALA B 111 37.77 -12.79 6.80
CA ALA B 111 38.76 -12.69 5.71
C ALA B 111 39.66 -11.44 5.84
N ALA B 112 40.98 -11.63 5.64
CA ALA B 112 42.03 -10.61 5.72
C ALA B 112 42.10 -9.73 4.42
N PRO B 113 42.37 -8.40 4.55
CA PRO B 113 42.34 -7.54 3.36
C PRO B 113 43.50 -7.75 2.42
N THR B 114 43.30 -7.36 1.16
CA THR B 114 44.31 -7.45 0.11
C THR B 114 44.71 -5.99 -0.12
N VAL B 115 45.50 -5.45 0.84
CA VAL B 115 45.97 -4.06 0.90
C VAL B 115 46.81 -3.69 -0.35
N SER B 116 46.55 -2.50 -0.95
CA SER B 116 47.26 -2.00 -2.14
C SER B 116 47.52 -0.52 -1.99
N ILE B 117 48.71 -0.08 -2.39
CA ILE B 117 49.12 1.33 -2.29
C ILE B 117 49.25 1.95 -3.68
N PHE B 118 48.88 3.22 -3.83
CA PHE B 118 48.93 3.83 -5.14
C PHE B 118 49.53 5.23 -5.18
N PRO B 119 50.70 5.39 -5.83
CA PRO B 119 51.29 6.72 -5.92
C PRO B 119 50.57 7.59 -6.95
N PRO B 120 50.55 8.92 -6.73
CA PRO B 120 49.86 9.81 -7.67
C PRO B 120 50.32 9.63 -9.11
N SER B 121 49.42 9.83 -10.07
CA SER B 121 49.74 9.75 -11.49
C SER B 121 50.54 11.01 -11.95
N THR B 122 51.28 10.91 -13.08
CA THR B 122 52.07 12.04 -13.62
C THR B 122 51.11 13.12 -14.16
N GLU B 123 49.88 12.67 -14.50
CA GLU B 123 48.74 13.41 -15.02
C GLU B 123 48.28 14.37 -13.94
N GLN B 124 48.17 13.85 -12.71
CA GLN B 124 47.75 14.58 -11.52
C GLN B 124 48.79 15.64 -11.12
N LEU B 125 50.05 15.25 -11.18
CA LEU B 125 51.17 16.10 -10.88
C LEU B 125 51.41 17.19 -11.97
N ALA B 126 50.69 17.13 -13.10
CA ALA B 126 50.74 18.18 -14.11
C ALA B 126 49.78 19.25 -13.61
N THR B 127 48.71 18.85 -12.89
CA THR B 127 47.70 19.75 -12.28
C THR B 127 48.22 20.41 -10.99
N GLY B 128 49.21 19.80 -10.34
CA GLY B 128 49.77 20.32 -9.09
C GLY B 128 49.02 19.85 -7.87
N GLY B 129 48.21 18.81 -8.07
CA GLY B 129 47.42 18.16 -7.04
C GLY B 129 47.82 16.71 -7.01
N ALA B 130 48.18 16.18 -5.82
CA ALA B 130 48.65 14.80 -5.66
C ALA B 130 47.89 13.96 -4.64
N SER B 131 47.14 12.95 -5.14
CA SER B 131 46.31 12.03 -4.37
C SER B 131 46.91 10.64 -4.32
N VAL B 132 47.04 10.11 -3.12
CA VAL B 132 47.59 8.79 -2.83
C VAL B 132 46.41 7.91 -2.40
N VAL B 133 46.18 6.78 -3.09
CA VAL B 133 45.08 5.86 -2.76
C VAL B 133 45.60 4.57 -2.07
N CYS B 134 44.80 4.04 -1.13
CA CYS B 134 45.10 2.82 -0.43
C CYS B 134 43.84 1.96 -0.24
N LEU B 135 43.58 1.11 -1.25
CA LEU B 135 42.43 0.21 -1.25
C LEU B 135 42.73 -1.18 -0.75
N MET B 136 41.86 -1.66 0.13
CA MET B 136 41.94 -2.98 0.78
C MET B 136 40.70 -3.79 0.39
N ASN B 137 40.91 -4.98 -0.16
CA ASN B 137 39.83 -5.73 -0.74
C ASN B 137 39.41 -6.99 -0.03
N ASN B 138 38.24 -7.49 -0.45
CA ASN B 138 37.59 -8.74 -0.06
C ASN B 138 37.93 -9.20 1.36
N PHE B 139 37.43 -8.44 2.35
CA PHE B 139 37.65 -8.71 3.76
C PHE B 139 36.37 -8.80 4.62
N TYR B 140 36.46 -9.57 5.74
CA TYR B 140 35.39 -9.76 6.72
C TYR B 140 35.94 -9.89 8.17
N PRO B 141 35.31 -9.25 9.22
CA PRO B 141 34.14 -8.35 9.18
C PRO B 141 34.42 -6.92 8.69
N ARG B 142 33.40 -6.04 8.77
CA ARG B 142 33.47 -4.65 8.31
C ARG B 142 34.32 -3.73 9.19
N ASP B 143 34.68 -4.14 10.42
CA ASP B 143 35.45 -3.16 11.19
C ASP B 143 36.93 -3.16 10.79
N ILE B 144 37.34 -2.07 10.16
CA ILE B 144 38.72 -1.88 9.72
C ILE B 144 39.15 -0.46 9.96
N SER B 145 40.44 -0.27 10.21
CA SER B 145 40.95 1.08 10.35
C SER B 145 42.15 1.26 9.49
N VAL B 146 42.09 2.27 8.61
CA VAL B 146 43.13 2.69 7.67
C VAL B 146 43.88 3.91 8.27
N LYS B 147 45.22 4.02 8.07
CA LYS B 147 45.96 5.15 8.61
C LYS B 147 47.11 5.63 7.73
N TRP B 148 47.05 6.92 7.39
CA TRP B 148 48.09 7.56 6.61
C TRP B 148 49.13 8.11 7.55
N LYS B 149 50.37 7.70 7.31
CA LYS B 149 51.54 8.14 8.04
C LYS B 149 52.51 8.60 6.96
N ILE B 150 52.85 9.87 6.99
CA ILE B 150 53.79 10.39 6.01
C ILE B 150 55.12 10.51 6.75
N ASP B 151 56.12 9.71 6.33
CA ASP B 151 57.44 9.65 6.95
C ASP B 151 57.30 9.31 8.44
N GLY B 152 56.52 8.25 8.70
CA GLY B 152 56.16 7.75 10.03
C GLY B 152 55.49 8.74 10.94
N THR B 153 54.76 9.72 10.37
CA THR B 153 54.04 10.77 11.12
C THR B 153 52.61 10.95 10.64
N GLU B 154 51.69 10.96 11.62
CA GLU B 154 50.22 11.14 11.58
C GLU B 154 49.66 11.98 10.43
N ARG B 155 48.44 11.65 9.95
CA ARG B 155 47.74 12.40 8.90
C ARG B 155 46.22 12.25 9.01
N ARG B 156 45.60 13.09 9.83
CA ARG B 156 44.15 13.02 10.02
C ARG B 156 43.36 13.86 9.02
N ASP B 157 44.05 14.70 8.23
CA ASP B 157 43.43 15.62 7.26
C ASP B 157 43.61 15.22 5.81
N GLY B 158 42.66 15.65 4.97
CA GLY B 158 42.64 15.40 3.53
C GLY B 158 42.53 13.94 3.14
N VAL B 159 41.77 13.19 3.94
CA VAL B 159 41.59 11.75 3.80
C VAL B 159 40.09 11.41 3.64
N LEU B 160 39.75 10.79 2.50
CA LEU B 160 38.38 10.38 2.19
C LEU B 160 38.40 8.87 1.96
N ASP B 161 37.61 8.16 2.76
CA ASP B 161 37.52 6.70 2.65
C ASP B 161 36.09 6.28 2.44
N SER B 162 35.89 5.23 1.63
CA SER B 162 34.56 4.75 1.28
C SER B 162 34.49 3.25 1.14
N VAL B 163 33.83 2.61 2.11
CA VAL B 163 33.56 1.16 2.17
C VAL B 163 32.52 0.81 1.09
N THR B 164 32.65 -0.38 0.47
CA THR B 164 31.69 -0.90 -0.52
C THR B 164 30.53 -1.53 0.26
N ASP B 165 29.41 -1.83 -0.40
CA ASP B 165 28.31 -2.49 0.28
C ASP B 165 28.68 -3.97 0.22
N GLN B 166 28.43 -4.79 1.30
CA GLN B 166 28.77 -6.23 1.37
C GLN B 166 28.52 -6.97 0.07
N ASP B 167 29.53 -7.64 -0.49
CA ASP B 167 29.39 -8.34 -1.78
C ASP B 167 28.31 -9.37 -1.72
N SER B 168 27.39 -9.32 -2.69
CA SER B 168 26.27 -10.23 -2.87
C SER B 168 26.72 -11.72 -2.86
N LYS B 169 27.64 -12.07 -3.80
CA LYS B 169 28.19 -13.40 -3.96
C LYS B 169 29.08 -13.87 -2.78
N ASP B 170 30.36 -13.46 -2.74
CA ASP B 170 31.31 -13.88 -1.70
C ASP B 170 31.18 -13.14 -0.30
N SER B 171 30.22 -12.21 -0.10
CA SER B 171 29.92 -11.51 1.19
C SER B 171 31.08 -10.74 1.85
N THR B 172 32.03 -10.22 1.06
CA THR B 172 33.14 -9.47 1.63
C THR B 172 32.95 -7.97 1.49
N TYR B 173 33.80 -7.18 2.16
CA TYR B 173 33.77 -5.73 1.99
C TYR B 173 35.04 -5.28 1.29
N SER B 174 35.07 -4.03 0.84
CA SER B 174 36.23 -3.41 0.16
C SER B 174 36.23 -1.93 0.56
N MET B 175 37.36 -1.40 1.02
CA MET B 175 37.47 0.00 1.46
C MET B 175 38.44 0.76 0.54
N SER B 176 38.29 2.08 0.43
CA SER B 176 39.07 2.91 -0.49
C SER B 176 39.40 4.30 0.05
N SER B 177 40.52 4.37 0.79
CA SER B 177 41.03 5.61 1.36
C SER B 177 41.82 6.38 0.31
N THR B 178 41.77 7.72 0.39
CA THR B 178 42.46 8.62 -0.55
C THR B 178 43.02 9.87 0.16
N LEU B 179 44.37 10.01 0.14
CA LEU B 179 45.07 11.13 0.72
C LEU B 179 45.34 12.18 -0.37
N SER B 180 44.34 13.00 -0.68
CA SER B 180 44.50 14.04 -1.71
C SER B 180 45.16 15.27 -1.12
N LEU B 181 46.39 15.56 -1.57
CA LEU B 181 47.19 16.74 -1.17
C LEU B 181 47.73 17.52 -2.41
N THR B 182 48.69 18.46 -2.22
CA THR B 182 49.29 19.24 -3.32
C THR B 182 50.60 18.61 -3.84
N LYS B 183 50.99 18.89 -5.13
CA LYS B 183 52.26 18.41 -5.70
C LYS B 183 53.37 18.87 -4.79
N ALA B 184 53.25 20.11 -4.29
CA ALA B 184 54.15 20.74 -3.35
C ALA B 184 54.30 19.87 -2.08
N ASP B 185 53.20 19.71 -1.30
CA ASP B 185 53.10 18.89 -0.07
C ASP B 185 53.62 17.46 -0.34
N TYR B 186 53.39 16.93 -1.56
CA TYR B 186 53.83 15.61 -1.97
C TYR B 186 55.32 15.60 -2.08
N GLU B 187 55.88 16.48 -2.94
CA GLU B 187 57.31 16.58 -3.21
C GLU B 187 58.16 16.77 -1.94
N SER B 188 57.63 17.48 -0.94
CA SER B 188 58.33 17.77 0.31
C SER B 188 58.51 16.56 1.26
N HIS B 189 58.17 15.33 0.83
CA HIS B 189 58.29 14.15 1.68
C HIS B 189 58.68 12.93 0.91
N ASN B 190 59.26 11.94 1.59
CA ASN B 190 59.71 10.73 0.91
C ASN B 190 58.89 9.50 1.25
N LEU B 191 58.66 9.23 2.54
CA LEU B 191 57.89 8.06 2.90
C LEU B 191 56.38 8.32 2.99
N TYR B 192 55.61 7.47 2.32
CA TYR B 192 54.16 7.53 2.32
C TYR B 192 53.68 6.17 2.73
N THR B 193 53.26 6.06 3.99
CA THR B 193 52.81 4.77 4.46
C THR B 193 51.32 4.78 4.87
N CYS B 194 50.65 3.66 4.51
CA CYS B 194 49.25 3.40 4.74
C CYS B 194 49.13 2.13 5.59
N GLU B 195 48.79 2.33 6.88
CA GLU B 195 48.66 1.30 7.89
C GLU B 195 47.20 0.87 8.09
N VAL B 196 46.96 -0.42 7.82
CA VAL B 196 45.68 -1.11 7.89
C VAL B 196 45.67 -1.95 9.15
N VAL B 197 44.59 -1.81 9.94
CA VAL B 197 44.39 -2.52 11.21
C VAL B 197 43.04 -3.24 11.18
N HIS B 198 43.07 -4.59 11.05
CA HIS B 198 41.87 -5.43 10.98
C HIS B 198 41.88 -6.57 12.03
N LYS B 199 40.68 -7.10 12.37
CA LYS B 199 40.44 -8.19 13.32
C LYS B 199 41.37 -9.37 13.07
N THR B 200 41.67 -9.59 11.79
CA THR B 200 42.47 -10.68 11.23
C THR B 200 44.02 -10.59 11.42
N SER B 201 44.55 -9.38 11.66
CA SER B 201 45.98 -9.12 11.70
C SER B 201 46.68 -9.25 13.04
N SER B 202 46.13 -8.62 14.14
CA SER B 202 46.74 -8.52 15.50
C SER B 202 47.90 -7.50 15.44
N SER B 203 48.78 -7.69 14.42
CA SER B 203 49.91 -6.86 14.04
C SER B 203 49.53 -6.21 12.67
N PRO B 204 49.31 -4.86 12.64
CA PRO B 204 48.86 -4.15 11.40
C PRO B 204 49.51 -4.49 10.05
N VAL B 205 48.69 -4.50 8.98
CA VAL B 205 49.13 -4.76 7.61
C VAL B 205 49.57 -3.43 7.08
N VAL B 206 50.85 -3.27 6.76
CA VAL B 206 51.23 -1.96 6.27
C VAL B 206 51.96 -2.07 4.92
N LYS B 207 51.25 -1.62 3.85
CA LYS B 207 51.73 -1.51 2.49
C LYS B 207 52.12 -0.04 2.35
N SER B 208 53.25 0.24 1.66
CA SER B 208 53.82 1.59 1.54
C SER B 208 54.77 1.75 0.32
N PHE B 209 55.06 3.02 -0.07
CA PHE B 209 55.99 3.37 -1.14
C PHE B 209 56.83 4.61 -0.74
N ASN B 210 57.95 4.83 -1.45
CA ASN B 210 58.79 6.00 -1.25
C ASN B 210 58.77 6.84 -2.50
N ARG B 211 58.57 8.16 -2.35
CA ARG B 211 58.43 9.13 -3.43
C ARG B 211 59.63 9.19 -4.41
N ASN B 212 60.88 9.26 -3.89
CA ASN B 212 62.15 9.37 -4.64
C ASN B 212 62.34 8.34 -5.78
N GLU B 213 61.89 7.08 -5.56
CA GLU B 213 61.95 5.99 -6.53
C GLU B 213 60.55 5.89 -7.21
N CYS B 214 60.14 7.02 -7.84
CA CYS B 214 58.87 7.30 -8.56
C CYS B 214 57.60 7.19 -7.65
N GLU C 1 5.22 -9.74 -16.24
CA GLU C 1 3.84 -9.63 -16.72
C GLU C 1 3.21 -8.26 -16.44
N VAL C 2 3.81 -7.48 -15.50
CA VAL C 2 3.36 -6.15 -15.08
C VAL C 2 4.56 -5.21 -15.16
N GLN C 3 4.42 -4.10 -15.90
CA GLN C 3 5.53 -3.18 -16.07
C GLN C 3 5.19 -1.84 -15.52
N LEU C 4 6.21 -1.17 -14.98
CA LEU C 4 6.24 0.20 -14.47
C LEU C 4 7.66 0.68 -14.88
N VAL C 5 7.68 1.44 -15.99
CA VAL C 5 8.88 1.98 -16.64
C VAL C 5 8.85 3.48 -16.44
N GLU C 6 9.67 4.01 -15.52
CA GLU C 6 9.70 5.46 -15.34
C GLU C 6 10.52 6.10 -16.45
N SER C 7 10.32 7.41 -16.66
CA SER C 7 11.07 8.24 -17.58
C SER C 7 11.25 9.64 -16.91
N GLY C 8 11.80 10.60 -17.64
CA GLY C 8 12.06 11.92 -17.08
C GLY C 8 13.20 11.90 -16.08
N GLY C 9 13.15 12.85 -15.14
CA GLY C 9 14.14 13.02 -14.10
C GLY C 9 15.40 13.75 -14.54
N GLY C 10 16.52 13.42 -13.92
CA GLY C 10 17.82 14.02 -14.19
C GLY C 10 18.14 15.20 -13.29
N LEU C 11 19.00 16.10 -13.78
CA LEU C 11 19.40 17.28 -13.02
C LEU C 11 18.59 18.53 -13.41
N VAL C 12 18.37 19.42 -12.41
CA VAL C 12 17.68 20.70 -12.49
C VAL C 12 18.09 21.61 -11.32
N GLN C 13 18.10 22.92 -11.55
CA GLN C 13 18.48 23.87 -10.50
C GLN C 13 17.27 24.15 -9.57
N PRO C 14 17.46 24.59 -8.29
CA PRO C 14 16.31 24.90 -7.43
C PRO C 14 15.30 25.92 -7.99
N GLY C 15 14.08 25.88 -7.46
CA GLY C 15 13.00 26.75 -7.90
C GLY C 15 12.38 26.34 -9.22
N ARG C 16 13.16 25.61 -10.07
CA ARG C 16 12.76 25.09 -11.39
C ARG C 16 11.80 23.89 -11.32
N SER C 17 11.29 23.44 -12.48
CA SER C 17 10.32 22.35 -12.57
C SER C 17 10.84 21.12 -13.30
N LEU C 18 10.13 19.97 -13.13
CA LEU C 18 10.42 18.67 -13.74
C LEU C 18 9.22 17.70 -13.70
N LYS C 19 8.95 17.02 -14.85
CA LYS C 19 7.87 16.03 -14.98
C LYS C 19 8.38 14.62 -15.23
N LEU C 20 7.98 13.67 -14.35
CA LEU C 20 8.34 12.26 -14.39
C LEU C 20 7.15 11.46 -14.82
N SER C 21 7.28 10.81 -15.97
CA SER C 21 6.25 9.96 -16.55
C SER C 21 6.57 8.55 -16.12
N CYS C 22 5.58 7.65 -16.13
CA CYS C 22 5.76 6.25 -15.80
C CYS C 22 4.73 5.48 -16.57
N ALA C 23 5.15 4.84 -17.67
CA ALA C 23 4.23 4.04 -18.46
C ALA C 23 4.02 2.72 -17.77
N ALA C 24 2.75 2.37 -17.58
CA ALA C 24 2.32 1.12 -16.93
C ALA C 24 1.83 0.15 -18.00
N SER C 25 2.06 -1.16 -17.79
CA SER C 25 1.65 -2.16 -18.78
C SER C 25 1.43 -3.54 -18.18
N GLY C 26 0.50 -4.30 -18.77
CA GLY C 26 0.17 -5.65 -18.35
C GLY C 26 -1.01 -5.83 -17.41
N PHE C 27 -1.50 -4.74 -16.80
CA PHE C 27 -2.64 -4.71 -15.89
C PHE C 27 -3.66 -3.66 -16.31
N THR C 28 -4.93 -3.83 -15.86
CA THR C 28 -6.01 -2.87 -16.18
C THR C 28 -5.89 -1.63 -15.27
N PHE C 29 -4.93 -0.74 -15.62
CA PHE C 29 -4.56 0.53 -14.98
C PHE C 29 -5.69 1.21 -14.17
N SER C 30 -6.81 1.49 -14.85
CA SER C 30 -8.03 2.13 -14.38
C SER C 30 -8.78 1.38 -13.22
N ASN C 31 -8.17 0.27 -12.74
CA ASN C 31 -8.67 -0.58 -11.67
C ASN C 31 -7.82 -0.41 -10.47
N TYR C 32 -6.79 0.45 -10.54
CA TYR C 32 -5.84 0.59 -9.43
C TYR C 32 -5.52 2.02 -9.07
N TYR C 33 -5.27 2.25 -7.79
CA TYR C 33 -4.85 3.57 -7.36
C TYR C 33 -3.33 3.56 -7.66
N MET C 34 -2.72 4.74 -7.79
CA MET C 34 -1.30 4.87 -8.09
C MET C 34 -0.67 5.84 -7.15
N ALA C 35 0.66 5.76 -7.03
CA ALA C 35 1.43 6.54 -6.10
C ALA C 35 2.89 6.70 -6.52
N TRP C 36 3.55 7.71 -5.95
CA TRP C 36 4.96 7.99 -6.16
C TRP C 36 5.62 7.89 -4.84
N VAL C 37 6.84 7.38 -4.82
CA VAL C 37 7.62 7.26 -3.59
C VAL C 37 9.05 7.67 -3.94
N ARG C 38 9.70 8.47 -3.07
CA ARG C 38 11.08 8.89 -3.29
C ARG C 38 12.04 8.32 -2.23
N GLN C 39 13.35 8.24 -2.56
CA GLN C 39 14.40 7.72 -1.67
C GLN C 39 15.75 8.49 -1.77
N ALA C 40 16.01 9.29 -0.73
CA ALA C 40 17.23 10.10 -0.60
C ALA C 40 18.43 9.19 -0.43
N PRO C 41 19.60 9.55 -1.02
CA PRO C 41 20.81 8.72 -0.84
C PRO C 41 21.06 8.42 0.62
N LYS C 42 21.27 7.13 0.93
CA LYS C 42 21.50 6.57 2.28
C LYS C 42 20.31 6.84 3.27
N LYS C 43 19.08 7.05 2.72
CA LYS C 43 17.90 7.31 3.54
C LYS C 43 16.70 6.41 3.17
N GLY C 44 15.75 6.32 4.11
CA GLY C 44 14.50 5.55 4.00
C GLY C 44 13.50 6.12 2.99
N LEU C 45 12.51 5.30 2.61
CA LEU C 45 11.53 5.73 1.62
C LEU C 45 10.55 6.79 2.17
N GLU C 46 9.95 7.57 1.27
CA GLU C 46 9.06 8.67 1.62
C GLU C 46 7.86 8.71 0.70
N TRP C 47 6.66 8.47 1.26
CA TRP C 47 5.48 8.51 0.42
C TRP C 47 5.36 9.93 -0.13
N VAL C 48 5.15 10.07 -1.45
CA VAL C 48 5.12 11.35 -2.14
C VAL C 48 3.70 11.79 -2.54
N ALA C 49 2.94 10.90 -3.18
CA ALA C 49 1.62 11.24 -3.66
C ALA C 49 0.78 10.02 -3.96
N THR C 50 -0.58 10.21 -4.01
CA THR C 50 -1.58 9.19 -4.39
C THR C 50 -2.60 9.80 -5.32
N ILE C 51 -3.15 8.95 -6.22
CA ILE C 51 -4.15 9.27 -7.23
C ILE C 51 -5.23 8.15 -7.39
N THR C 52 -6.51 8.55 -7.44
CA THR C 52 -7.61 7.61 -7.60
C THR C 52 -7.63 7.14 -9.03
N THR C 53 -8.24 5.96 -9.26
CA THR C 53 -8.43 5.28 -10.54
C THR C 53 -8.92 6.24 -11.62
N SER C 54 -9.83 7.12 -11.23
CA SER C 54 -10.43 8.13 -12.09
C SER C 54 -9.55 9.35 -12.17
N GLY C 55 -8.81 9.65 -11.10
CA GLY C 55 -7.98 10.84 -10.98
C GLY C 55 -8.63 11.95 -10.16
N SER C 56 -9.89 11.67 -9.74
CA SER C 56 -10.80 12.49 -8.94
C SER C 56 -10.12 13.21 -7.78
N ARG C 57 -9.36 12.45 -6.99
CA ARG C 57 -8.68 12.96 -5.82
C ARG C 57 -7.19 12.65 -5.84
N SER C 58 -6.42 13.56 -5.20
CA SER C 58 -4.97 13.49 -5.11
C SER C 58 -4.54 13.72 -3.67
N TYR C 59 -3.57 12.91 -3.22
CA TYR C 59 -3.09 12.93 -1.84
C TYR C 59 -1.61 13.13 -1.74
N TYR C 60 -1.20 14.18 -1.03
CA TYR C 60 0.19 14.57 -0.85
C TYR C 60 0.49 14.89 0.60
N PRO C 61 1.66 14.51 1.11
CA PRO C 61 2.03 14.94 2.46
C PRO C 61 2.67 16.35 2.45
N ASP C 62 2.60 17.05 3.60
CA ASP C 62 3.13 18.40 3.89
C ASP C 62 4.52 18.67 3.29
N SER C 63 5.28 17.59 3.07
CA SER C 63 6.62 17.53 2.51
C SER C 63 6.64 18.14 1.10
N VAL C 64 5.71 17.78 0.20
CA VAL C 64 5.74 18.35 -1.16
C VAL C 64 4.37 18.86 -1.62
N LYS C 65 3.56 19.31 -0.64
CA LYS C 65 2.22 19.85 -0.80
C LYS C 65 2.16 21.08 -1.74
N GLY C 66 1.22 21.04 -2.70
CA GLY C 66 0.94 22.13 -3.63
C GLY C 66 2.07 22.64 -4.52
N ARG C 67 3.21 21.96 -4.44
CA ARG C 67 4.44 22.20 -5.15
C ARG C 67 4.62 20.98 -6.09
N PHE C 68 3.90 19.90 -5.79
CA PHE C 68 3.90 18.67 -6.58
C PHE C 68 2.44 18.33 -6.96
N THR C 69 2.28 17.66 -8.11
CA THR C 69 0.98 17.25 -8.62
C THR C 69 1.07 15.91 -9.40
N ILE C 70 0.22 14.95 -8.96
CA ILE C 70 0.08 13.61 -9.52
C ILE C 70 -1.10 13.58 -10.54
N SER C 71 -0.95 12.84 -11.64
CA SER C 71 -1.96 12.79 -12.70
C SER C 71 -1.86 11.50 -13.48
N ARG C 72 -2.86 11.20 -14.33
CA ARG C 72 -2.87 9.97 -15.13
C ARG C 72 -3.80 10.01 -16.34
N ASP C 73 -3.55 9.14 -17.33
CA ASP C 73 -4.38 9.02 -18.53
C ASP C 73 -4.70 7.54 -18.76
N ASN C 74 -5.78 7.06 -18.14
CA ASN C 74 -6.17 5.65 -18.20
C ASN C 74 -6.49 5.16 -19.64
N SER C 75 -6.83 6.09 -20.54
CA SER C 75 -7.14 5.75 -21.93
C SER C 75 -5.86 5.32 -22.67
N GLU C 76 -4.75 5.95 -22.29
CA GLU C 76 -3.43 5.69 -22.84
C GLU C 76 -2.47 5.39 -21.67
N SER C 77 -2.86 4.37 -20.85
CA SER C 77 -2.28 3.78 -19.64
C SER C 77 -0.90 4.33 -19.16
N SER C 78 -0.91 5.48 -18.45
CA SER C 78 0.30 6.14 -17.91
C SER C 78 0.03 7.17 -16.82
N LEU C 79 1.04 7.34 -15.94
CA LEU C 79 1.08 8.17 -14.73
C LEU C 79 2.10 9.31 -14.84
N TYR C 80 1.98 10.34 -13.99
CA TYR C 80 2.85 11.53 -14.02
C TYR C 80 3.07 12.14 -12.64
N LEU C 81 4.15 12.89 -12.49
CA LEU C 81 4.42 13.64 -11.27
C LEU C 81 5.06 14.96 -11.63
N GLN C 82 4.27 15.99 -11.76
CA GLN C 82 4.77 17.31 -12.06
C GLN C 82 5.30 17.89 -10.73
N MET C 83 6.62 18.11 -10.70
CA MET C 83 7.36 18.64 -9.56
C MET C 83 7.73 20.08 -9.88
N ASN C 84 7.16 21.04 -9.13
CA ASN C 84 7.39 22.47 -9.34
C ASN C 84 8.23 23.06 -8.20
N SER C 85 8.70 24.32 -8.36
CA SER C 85 9.55 25.10 -7.44
C SER C 85 10.43 24.22 -6.50
N LEU C 86 11.15 23.25 -7.15
CA LEU C 86 12.03 22.24 -6.56
C LEU C 86 13.05 22.76 -5.54
N GLU C 87 13.36 21.91 -4.56
CA GLU C 87 14.27 22.15 -3.44
C GLU C 87 15.40 21.15 -3.49
N SER C 88 16.54 21.47 -2.88
CA SER C 88 17.70 20.56 -2.84
C SER C 88 17.43 19.34 -1.96
N GLU C 89 16.42 19.40 -1.08
CA GLU C 89 16.05 18.27 -0.24
C GLU C 89 15.06 17.34 -0.96
N ASP C 90 14.62 17.76 -2.17
CA ASP C 90 13.77 16.96 -3.05
C ASP C 90 14.64 16.02 -3.92
N THR C 91 15.98 16.04 -3.69
CA THR C 91 16.95 15.22 -4.41
C THR C 91 16.89 13.76 -3.95
N ALA C 92 16.24 12.91 -4.75
CA ALA C 92 16.03 11.49 -4.49
C ALA C 92 15.70 10.69 -5.78
N THR C 93 15.49 9.36 -5.63
CA THR C 93 15.04 8.51 -6.74
C THR C 93 13.54 8.33 -6.59
N TYR C 94 12.80 8.52 -7.68
CA TYR C 94 11.35 8.48 -7.69
C TYR C 94 10.83 7.15 -8.23
N TYR C 95 9.87 6.56 -7.50
CA TYR C 95 9.30 5.27 -7.75
C TYR C 95 7.80 5.30 -7.93
N CYS C 96 7.31 4.91 -9.11
CA CYS C 96 5.88 4.77 -9.35
C CYS C 96 5.56 3.38 -8.89
N ALA C 97 4.73 3.29 -7.90
CA ALA C 97 4.32 2.00 -7.34
C ALA C 97 2.81 1.89 -7.53
N ARG C 98 2.33 0.70 -7.87
CA ARG C 98 0.91 0.42 -8.05
C ARG C 98 0.24 0.41 -6.68
N ARG C 99 -0.47 1.49 -6.31
CA ARG C 99 -1.16 1.59 -5.00
C ARG C 99 -2.32 0.58 -5.01
N GLY C 100 -2.84 0.23 -3.83
CA GLY C 100 -3.92 -0.75 -3.77
C GLY C 100 -5.32 -0.36 -4.23
N TYR C 101 -6.31 -1.17 -3.79
CA TYR C 101 -7.74 -0.99 -4.03
C TYR C 101 -8.50 -1.80 -2.97
N GLY C 102 -9.23 -1.08 -2.10
CA GLY C 102 -10.01 -1.55 -0.97
C GLY C 102 -10.72 -2.84 -1.26
N GLY C 103 -10.38 -3.86 -0.48
CA GLY C 103 -10.91 -5.21 -0.61
C GLY C 103 -9.99 -6.09 -1.45
N TYR C 104 -8.82 -5.55 -1.79
CA TYR C 104 -7.81 -6.25 -2.60
C TYR C 104 -6.48 -6.08 -1.91
N SER C 105 -5.59 -7.06 -2.09
CA SER C 105 -4.27 -6.99 -1.49
C SER C 105 -3.22 -6.53 -2.55
N GLU C 106 -3.65 -5.60 -3.44
CA GLU C 106 -2.81 -5.03 -4.50
C GLU C 106 -1.75 -4.09 -3.91
N ASP C 107 -2.04 -3.46 -2.76
CA ASP C 107 -1.18 -2.48 -2.08
C ASP C 107 0.32 -2.66 -2.32
N PHE C 108 0.94 -1.68 -3.01
CA PHE C 108 2.38 -1.59 -3.34
C PHE C 108 2.99 -2.91 -3.84
N ASP C 109 2.23 -3.70 -4.59
CA ASP C 109 2.80 -4.97 -5.04
C ASP C 109 3.90 -4.75 -6.04
N TYR C 110 3.68 -3.87 -7.01
CA TYR C 110 4.68 -3.60 -8.03
C TYR C 110 5.15 -2.16 -8.04
N TRP C 111 6.47 -1.97 -8.27
CA TRP C 111 7.17 -0.68 -8.34
C TRP C 111 7.85 -0.54 -9.70
N GLY C 112 8.29 0.67 -10.01
CA GLY C 112 9.01 0.98 -11.24
C GLY C 112 10.50 0.82 -10.96
N GLN C 113 11.34 0.77 -12.02
CA GLN C 113 12.78 0.61 -11.83
C GLN C 113 13.42 1.70 -10.90
N GLY C 114 12.90 2.93 -11.00
CA GLY C 114 13.33 4.11 -10.24
C GLY C 114 13.85 5.17 -11.16
N VAL C 115 13.96 6.43 -10.70
CA VAL C 115 14.50 7.51 -11.54
C VAL C 115 15.20 8.58 -10.68
N MET C 116 16.51 8.72 -10.91
CA MET C 116 17.39 9.66 -10.23
C MET C 116 17.00 11.09 -10.61
N VAL C 117 16.67 11.88 -9.59
CA VAL C 117 16.33 13.29 -9.73
C VAL C 117 17.26 14.09 -8.83
N THR C 118 18.05 14.98 -9.45
CA THR C 118 19.07 15.76 -8.76
C THR C 118 18.79 17.27 -8.80
N VAL C 119 18.77 17.85 -7.61
CA VAL C 119 18.52 19.27 -7.40
C VAL C 119 19.67 19.87 -6.59
N SER C 120 20.35 20.87 -7.20
CA SER C 120 21.44 21.70 -6.67
C SER C 120 21.79 22.83 -7.63
N SER C 121 22.38 23.89 -7.06
CA SER C 121 22.82 25.10 -7.75
C SER C 121 24.09 24.90 -8.57
N ALA C 122 25.04 24.11 -8.03
CA ALA C 122 26.39 23.83 -8.53
C ALA C 122 26.49 23.44 -10.02
N GLU C 123 27.55 24.00 -10.64
CA GLU C 123 27.92 23.83 -12.05
C GLU C 123 28.31 22.40 -12.32
N THR C 124 27.65 21.79 -13.32
CA THR C 124 27.83 20.41 -13.75
C THR C 124 29.28 20.21 -14.30
N THR C 125 30.22 19.96 -13.37
CA THR C 125 31.65 19.77 -13.61
C THR C 125 31.95 18.35 -14.08
N ALA C 126 32.71 18.24 -15.19
CA ALA C 126 33.17 16.98 -15.76
C ALA C 126 34.29 16.44 -14.87
N PRO C 127 34.57 15.11 -14.89
CA PRO C 127 35.62 14.59 -14.00
C PRO C 127 37.02 14.52 -14.55
N SER C 128 38.00 14.61 -13.63
CA SER C 128 39.43 14.47 -13.89
C SER C 128 39.77 12.99 -13.60
N VAL C 129 40.31 12.30 -14.61
CA VAL C 129 40.58 10.87 -14.51
C VAL C 129 42.07 10.53 -14.45
N TYR C 130 42.51 10.13 -13.26
CA TYR C 130 43.87 9.74 -13.00
C TYR C 130 43.99 8.24 -12.90
N PRO C 131 44.90 7.60 -13.65
CA PRO C 131 44.98 6.14 -13.63
C PRO C 131 45.89 5.58 -12.55
N LEU C 132 45.31 4.81 -11.61
CA LEU C 132 46.05 4.17 -10.52
C LEU C 132 46.78 2.93 -11.00
N ALA C 133 48.11 3.01 -11.06
CA ALA C 133 49.01 1.93 -11.44
C ALA C 133 49.86 1.63 -10.21
N PRO C 134 50.44 0.43 -10.03
CA PRO C 134 51.21 0.19 -8.80
C PRO C 134 52.58 0.85 -8.76
N GLY C 135 53.14 0.95 -7.55
CA GLY C 135 54.45 1.53 -7.29
C GLY C 135 55.58 0.90 -8.10
N THR C 136 56.68 1.66 -8.32
CA THR C 136 57.87 1.29 -9.13
C THR C 136 58.60 0.04 -8.54
N ALA C 137 58.64 -0.11 -7.21
CA ALA C 137 59.24 -1.30 -6.59
C ALA C 137 58.19 -2.44 -6.58
N LEU C 138 57.88 -2.93 -7.80
CA LEU C 138 56.89 -3.97 -8.08
C LEU C 138 57.35 -5.37 -7.69
N LYS C 139 56.84 -5.88 -6.55
CA LYS C 139 57.14 -7.23 -6.07
C LYS C 139 56.21 -8.16 -6.88
N SER C 140 56.55 -8.35 -8.18
CA SER C 140 55.83 -9.13 -9.19
C SER C 140 55.34 -10.49 -8.70
N ASN C 141 54.01 -10.71 -8.81
CA ASN C 141 53.28 -11.91 -8.36
C ASN C 141 52.39 -12.53 -9.49
N SER C 142 51.25 -13.14 -9.09
CA SER C 142 50.26 -13.82 -9.91
C SER C 142 49.08 -12.89 -10.19
N MET C 143 48.79 -12.03 -9.22
CA MET C 143 47.69 -11.08 -9.28
C MET C 143 48.15 -9.66 -9.09
N VAL C 144 47.51 -8.72 -9.82
CA VAL C 144 47.81 -7.28 -9.76
C VAL C 144 46.53 -6.47 -9.62
N THR C 145 46.52 -5.47 -8.73
CA THR C 145 45.34 -4.61 -8.67
C THR C 145 45.68 -3.27 -9.28
N LEU C 146 44.95 -2.92 -10.32
CA LEU C 146 45.07 -1.67 -11.03
C LEU C 146 43.80 -0.91 -10.70
N GLY C 147 43.91 0.41 -10.69
CA GLY C 147 42.80 1.29 -10.38
C GLY C 147 42.47 2.39 -11.37
N CYS C 148 41.58 3.28 -10.93
CA CYS C 148 41.07 4.40 -11.69
C CYS C 148 40.63 5.43 -10.68
N LEU C 149 41.27 6.56 -10.62
CA LEU C 149 40.82 7.61 -9.75
C LEU C 149 40.03 8.64 -10.58
N VAL C 150 38.77 8.90 -10.18
CA VAL C 150 37.87 9.87 -10.82
C VAL C 150 37.67 11.04 -9.85
N LYS C 151 38.65 11.94 -9.83
CA LYS C 151 38.65 13.13 -9.01
C LYS C 151 37.69 14.20 -9.63
N GLY C 152 37.15 15.06 -8.76
CA GLY C 152 36.31 16.23 -8.99
C GLY C 152 35.29 16.37 -10.10
N TYR C 153 34.10 15.80 -9.88
CA TYR C 153 33.00 15.95 -10.82
C TYR C 153 31.72 16.29 -10.10
N PHE C 154 30.73 16.80 -10.84
CA PHE C 154 29.43 17.11 -10.29
C PHE C 154 28.37 17.08 -11.38
N PRO C 155 27.20 16.44 -11.21
CA PRO C 155 26.72 15.68 -10.06
C PRO C 155 26.87 14.17 -10.20
N GLU C 156 26.56 13.43 -9.11
CA GLU C 156 26.57 11.97 -9.16
C GLU C 156 25.46 11.56 -10.16
N PRO C 157 25.71 10.58 -11.04
CA PRO C 157 26.82 9.62 -11.04
C PRO C 157 27.75 9.63 -12.25
N VAL C 158 28.75 8.72 -12.21
CA VAL C 158 29.65 8.41 -13.31
C VAL C 158 29.56 6.91 -13.55
N THR C 159 29.43 6.52 -14.80
CA THR C 159 29.40 5.11 -15.11
C THR C 159 30.82 4.70 -15.44
N VAL C 160 31.33 3.75 -14.64
CA VAL C 160 32.69 3.21 -14.75
C VAL C 160 32.63 1.74 -15.13
N THR C 161 33.36 1.39 -16.17
CA THR C 161 33.54 0.03 -16.68
C THR C 161 35.05 -0.25 -16.83
N TRP C 162 35.41 -1.48 -17.13
CA TRP C 162 36.80 -1.88 -17.32
C TRP C 162 36.85 -2.66 -18.62
N ASN C 163 37.53 -2.10 -19.61
CA ASN C 163 37.70 -2.66 -20.96
C ASN C 163 36.36 -2.73 -21.70
N SER C 164 35.77 -1.55 -21.96
CA SER C 164 34.48 -1.31 -22.64
C SER C 164 33.29 -2.07 -22.00
N GLY C 165 33.54 -2.74 -20.88
CA GLY C 165 32.56 -3.52 -20.13
C GLY C 165 33.07 -4.90 -19.76
N ALA C 166 33.86 -5.51 -20.68
CA ALA C 166 34.48 -6.86 -20.71
C ALA C 166 35.03 -7.39 -19.37
N LEU C 167 35.69 -6.52 -18.59
CA LEU C 167 36.20 -6.94 -17.29
C LEU C 167 35.09 -6.78 -16.24
N SER C 168 34.69 -7.92 -15.65
CA SER C 168 33.59 -8.02 -14.69
C SER C 168 33.99 -8.52 -13.32
N SER C 169 34.99 -9.42 -13.21
CA SER C 169 35.38 -9.95 -11.90
C SER C 169 36.47 -9.13 -11.18
N GLY C 170 36.33 -9.01 -9.86
CA GLY C 170 37.26 -8.28 -9.00
C GLY C 170 37.30 -6.78 -9.20
N VAL C 171 36.28 -6.25 -9.89
CA VAL C 171 36.17 -4.82 -10.13
C VAL C 171 35.25 -4.27 -9.09
N HIS C 172 35.73 -3.25 -8.40
CA HIS C 172 35.02 -2.63 -7.32
C HIS C 172 35.03 -1.16 -7.50
N THR C 173 33.87 -0.59 -7.82
CA THR C 173 33.67 0.85 -7.94
C THR C 173 33.09 1.28 -6.59
N PHE C 174 33.91 1.93 -5.78
CA PHE C 174 33.55 2.38 -4.45
C PHE C 174 32.58 3.54 -4.50
N PRO C 175 31.75 3.75 -3.44
CA PRO C 175 30.83 4.90 -3.47
C PRO C 175 31.64 6.19 -3.54
N ALA C 176 31.16 7.12 -4.38
CA ALA C 176 31.81 8.41 -4.57
C ALA C 176 31.75 9.22 -3.29
N VAL C 177 32.73 10.12 -3.10
CA VAL C 177 32.78 10.97 -1.92
C VAL C 177 32.68 12.42 -2.34
N LEU C 178 31.71 13.11 -1.74
CA LEU C 178 31.47 14.55 -1.90
C LEU C 178 32.19 15.23 -0.76
N GLN C 179 33.00 16.22 -1.12
CA GLN C 179 33.85 17.07 -0.30
C GLN C 179 34.37 18.07 -1.33
N SER C 180 34.49 19.35 -0.94
CA SER C 180 34.93 20.45 -1.81
C SER C 180 33.91 20.67 -2.96
N GLY C 181 32.64 20.35 -2.68
CA GLY C 181 31.52 20.47 -3.60
C GLY C 181 31.67 19.64 -4.85
N LEU C 182 32.55 18.63 -4.80
CA LEU C 182 32.85 17.75 -5.93
C LEU C 182 32.94 16.28 -5.53
N TYR C 183 32.64 15.40 -6.48
CA TYR C 183 32.63 13.96 -6.28
C TYR C 183 33.96 13.33 -6.66
N THR C 184 34.43 12.47 -5.77
CA THR C 184 35.69 11.77 -5.91
C THR C 184 35.40 10.26 -5.77
N LEU C 185 35.48 9.53 -6.89
CA LEU C 185 35.18 8.11 -6.95
C LEU C 185 36.40 7.27 -7.44
N THR C 186 36.64 6.11 -6.82
CA THR C 186 37.72 5.18 -7.15
C THR C 186 37.20 3.82 -7.61
N SER C 187 37.72 3.31 -8.73
CA SER C 187 37.37 1.96 -9.21
C SER C 187 38.61 1.10 -9.30
N SER C 188 38.59 -0.04 -8.62
CA SER C 188 39.62 -1.06 -8.57
C SER C 188 39.27 -2.21 -9.56
N VAL C 189 40.28 -2.96 -10.08
CA VAL C 189 40.05 -4.18 -10.89
C VAL C 189 41.19 -5.27 -10.63
N THR C 190 40.93 -6.28 -9.78
CA THR C 190 41.94 -7.31 -9.48
C THR C 190 42.08 -8.31 -10.64
N VAL C 191 43.04 -8.09 -11.54
CA VAL C 191 43.31 -8.94 -12.71
C VAL C 191 44.67 -9.66 -12.55
N PRO C 192 44.85 -10.89 -13.09
CA PRO C 192 46.18 -11.53 -13.00
C PRO C 192 47.26 -10.75 -13.77
N SER C 193 48.52 -10.84 -13.29
CA SER C 193 49.67 -10.13 -13.89
C SER C 193 49.90 -10.56 -15.33
N SER C 194 49.74 -11.87 -15.56
CA SER C 194 49.83 -12.61 -16.82
C SER C 194 49.09 -11.89 -17.92
N THR C 195 47.86 -11.40 -17.58
CA THR C 195 46.99 -10.70 -18.52
C THR C 195 47.32 -9.20 -18.60
N TRP C 196 47.84 -8.54 -17.52
CA TRP C 196 48.20 -7.12 -17.64
C TRP C 196 49.46 -6.92 -18.53
N SER C 197 50.13 -8.01 -18.87
CA SER C 197 51.28 -7.95 -19.77
C SER C 197 50.84 -8.19 -21.21
N SER C 198 49.75 -8.98 -21.38
CA SER C 198 49.19 -9.40 -22.67
C SER C 198 47.94 -8.63 -23.16
N GLN C 199 47.27 -7.94 -22.21
CA GLN C 199 46.06 -7.14 -22.40
C GLN C 199 46.30 -5.74 -21.93
N ALA C 200 45.69 -4.84 -22.69
CA ALA C 200 45.70 -3.42 -22.48
C ALA C 200 44.47 -3.14 -21.64
N VAL C 201 44.64 -3.15 -20.29
CA VAL C 201 43.56 -2.92 -19.32
C VAL C 201 43.19 -1.40 -19.22
N THR C 202 42.08 -1.07 -19.88
CA THR C 202 41.56 0.30 -19.93
C THR C 202 40.36 0.47 -19.03
N CYS C 203 40.21 1.67 -18.56
CA CYS C 203 39.17 2.08 -17.68
C CYS C 203 38.32 3.13 -18.43
N ASN C 204 37.02 2.84 -18.57
CA ASN C 204 36.06 3.68 -19.25
C ASN C 204 35.13 4.26 -18.22
N VAL C 205 35.32 5.53 -17.94
CA VAL C 205 34.51 6.35 -17.04
C VAL C 205 33.69 7.30 -17.94
N ALA C 206 32.41 7.55 -17.60
CA ALA C 206 31.51 8.40 -18.39
C ALA C 206 30.50 9.19 -17.52
N HIS C 207 30.41 10.52 -17.73
CA HIS C 207 29.55 11.43 -17.00
C HIS C 207 28.46 11.84 -17.95
N PRO C 208 27.19 11.44 -17.74
CA PRO C 208 26.14 11.83 -18.68
C PRO C 208 25.86 13.33 -18.59
N ALA C 209 25.90 13.85 -17.35
CA ALA C 209 25.64 15.23 -16.95
C ALA C 209 26.45 16.25 -17.76
N SER C 210 27.77 16.07 -17.83
CA SER C 210 28.63 16.97 -18.59
C SER C 210 28.80 16.44 -20.02
N SER C 211 28.25 15.21 -20.30
CA SER C 211 28.35 14.44 -21.55
C SER C 211 29.84 14.18 -21.79
N THR C 212 30.36 13.14 -21.12
CA THR C 212 31.77 12.79 -21.11
C THR C 212 32.00 11.29 -21.37
N LYS C 213 33.12 10.94 -22.07
CA LYS C 213 33.54 9.58 -22.36
C LYS C 213 35.07 9.47 -22.42
N VAL C 214 35.68 9.59 -21.24
CA VAL C 214 37.11 9.51 -21.00
C VAL C 214 37.51 8.04 -20.89
N ASP C 215 38.49 7.60 -21.71
CA ASP C 215 38.96 6.21 -21.61
C ASP C 215 40.46 6.14 -21.27
N LYS C 216 40.81 5.91 -19.96
CA LYS C 216 42.21 5.82 -19.46
C LYS C 216 42.77 4.40 -19.45
N LYS C 217 43.83 4.17 -20.22
CA LYS C 217 44.46 2.86 -20.33
C LYS C 217 45.66 2.74 -19.38
N ILE C 218 45.49 1.99 -18.28
CA ILE C 218 46.46 1.76 -17.19
C ILE C 218 47.66 0.96 -17.66
N VAL C 219 48.85 1.59 -17.52
CA VAL C 219 50.18 1.10 -17.89
C VAL C 219 51.09 1.12 -16.64
N PRO C 220 52.27 0.42 -16.63
CA PRO C 220 53.13 0.44 -15.43
C PRO C 220 53.93 1.74 -15.22
N ARG C 221 54.04 2.16 -13.93
CA ARG C 221 54.70 3.38 -13.46
C ARG C 221 56.20 3.50 -13.79
N GLU C 222 56.61 4.62 -14.46
CA GLU C 222 57.98 5.01 -14.86
C GLU C 222 57.99 6.52 -15.25
N CYS C 223 59.05 7.38 -14.98
CA CYS C 223 60.40 7.34 -14.34
C CYS C 223 61.45 8.02 -15.22
#